data_5ZM4
#
_entry.id   5ZM4
#
_cell.length_a   62.594
_cell.length_b   67.218
_cell.length_c   73.317
_cell.angle_alpha   88.06
_cell.angle_beta   89.78
_cell.angle_gamma   89.94
#
_symmetry.space_group_name_H-M   'P 1'
#
loop_
_entity.id
_entity.type
_entity.pdbx_description
1 polymer 'Dioxygenase andA'
2 non-polymer 'FE (III) ION'
3 non-polymer '2-OXOGLUTARIC ACID'
4 non-polymer (6aS,8aR,12aS,12bR,13aR)-5,6a,9,9,12a,13a-hexamethyl-7,8,8a,9,12a,12b,13,13a-octahydro-3H-benzo[a]furo[3,4-j]xanthene-3,4,10(1H,6aH)-trione
5 water water
#
_entity_poly.entity_id   1
_entity_poly.type   'polypeptide(L)'
_entity_poly.pdbx_seq_one_letter_code
;MGSSHHHHHHSSGLVPRGSHMPPIRRVNASQGSDAAYQILQEDGCVIVEQVICPNIIAKISDDVNRVMDKATIGAKKGEQ
THIINMHNRTIHMGDLVLTSKTYRDELLNLPFAHEVLEKVFKKDSGDYWLNMGNILNMLPGAEAQRPHRDDYLYPVSQHM
DPATSPDLMINITFPLNEFRHDNGGTLLLPKSHTGPNADFYANAEDLPAAEMQVGDALIFTGKCVHGGGANRSDKPRIGL
ALAAQPGYLTPRESNVNVPRDIVETMTPLAQRMIGWGTVRTKDTYGLNMLQDKDFHEALGLKSKTA
;
_entity_poly.pdbx_strand_id   A,B,C,D
#
loop_
_chem_comp.id
_chem_comp.type
_chem_comp.name
_chem_comp.formula
9FU non-polymer (6aS,8aR,12aS,12bR,13aR)-5,6a,9,9,12a,13a-hexamethyl-7,8,8a,9,12a,12b,13,13a-octahydro-3H-benzo[a]furo[3,4-j]xanthene-3,4,10(1H,6aH)-trione 'C25 H30 O5'
AKG non-polymer '2-OXOGLUTARIC ACID' 'C5 H6 O5'
FE non-polymer 'FE (III) ION' 'Fe 3'
#
# COMPACT_ATOMS: atom_id res chain seq x y z
N HIS A 20 -3.68 13.18 27.26
CA HIS A 20 -2.48 12.48 27.71
C HIS A 20 -1.45 12.34 26.59
N MET A 21 -0.26 12.90 26.82
CA MET A 21 0.91 12.76 25.97
C MET A 21 1.77 11.65 26.53
N PRO A 22 1.92 10.51 25.85
CA PRO A 22 2.71 9.40 26.42
C PRO A 22 4.19 9.75 26.56
N PRO A 23 4.84 9.29 27.62
CA PRO A 23 6.27 9.54 27.76
C PRO A 23 7.11 8.68 26.82
N ILE A 24 8.33 9.16 26.57
CA ILE A 24 9.32 8.40 25.84
C ILE A 24 9.98 7.42 26.80
N ARG A 25 9.82 6.12 26.53
CA ARG A 25 10.28 5.09 27.44
C ARG A 25 11.73 4.70 27.14
N ARG A 26 12.40 4.16 28.17
CA ARG A 26 13.84 3.96 28.17
C ARG A 26 14.19 2.58 28.73
N VAL A 27 15.28 2.01 28.22
CA VAL A 27 15.87 0.79 28.76
C VAL A 27 17.39 0.95 28.71
N ASN A 28 18.07 0.22 29.58
CA ASN A 28 19.51 0.08 29.48
C ASN A 28 19.82 -1.07 28.51
N ALA A 29 20.91 -0.91 27.75
CA ALA A 29 21.25 -2.00 26.85
C ALA A 29 21.62 -3.28 27.61
N SER A 30 21.96 -3.18 28.90
CA SER A 30 22.22 -4.39 29.68
C SER A 30 20.97 -5.24 29.79
N GLN A 31 19.78 -4.66 29.60
CA GLN A 31 18.53 -5.41 29.65
C GLN A 31 18.29 -6.22 28.38
N GLY A 32 19.07 -6.01 27.32
CA GLY A 32 19.00 -6.86 26.14
C GLY A 32 18.18 -6.23 25.02
N SER A 33 18.41 -6.74 23.80
CA SER A 33 17.73 -6.15 22.65
C SER A 33 16.25 -6.55 22.57
N ASP A 34 15.86 -7.69 23.17
CA ASP A 34 14.43 -8.07 23.17
C ASP A 34 13.57 -7.01 23.86
N ALA A 35 14.04 -6.48 25.00
CA ALA A 35 13.23 -5.52 25.76
C ALA A 35 13.07 -4.20 25.02
N ALA A 36 14.17 -3.73 24.40
CA ALA A 36 14.08 -2.50 23.62
C ALA A 36 13.20 -2.69 22.39
N TYR A 37 13.31 -3.85 21.70
CA TYR A 37 12.42 -4.12 20.57
C TYR A 37 10.97 -4.13 21.00
N GLN A 38 10.68 -4.65 22.19
CA GLN A 38 9.29 -4.67 22.66
C GLN A 38 8.76 -3.26 22.82
N ILE A 39 9.55 -2.37 23.44
CA ILE A 39 9.09 -0.99 23.58
C ILE A 39 8.96 -0.33 22.21
N LEU A 40 9.84 -0.68 21.27
CA LEU A 40 9.77 -0.09 19.93
C LEU A 40 8.49 -0.54 19.21
N GLN A 41 8.12 -1.81 19.36
CA GLN A 41 6.89 -2.31 18.78
C GLN A 41 5.67 -1.62 19.37
N GLU A 42 5.68 -1.35 20.68
CA GLU A 42 4.51 -0.77 21.34
C GLU A 42 4.42 0.75 21.18
N ASP A 43 5.54 1.44 21.00
CA ASP A 43 5.58 2.90 21.05
C ASP A 43 6.09 3.57 19.79
N GLY A 44 6.75 2.85 18.89
CA GLY A 44 7.41 3.44 17.76
C GLY A 44 8.78 4.04 18.03
N CYS A 45 9.20 4.13 19.30
CA CYS A 45 10.45 4.76 19.71
C CYS A 45 10.87 4.27 21.10
N VAL A 46 12.18 4.23 21.34
CA VAL A 46 12.73 3.82 22.63
C VAL A 46 14.13 4.43 22.74
N ILE A 47 14.49 4.87 23.95
CA ILE A 47 15.86 5.30 24.24
C ILE A 47 16.60 4.15 24.92
N VAL A 48 17.76 3.77 24.36
CA VAL A 48 18.64 2.73 24.92
C VAL A 48 19.86 3.41 25.56
N GLU A 49 19.95 3.32 26.89
CA GLU A 49 21.06 3.94 27.62
C GLU A 49 22.29 3.05 27.61
N GLN A 50 23.46 3.67 27.46
CA GLN A 50 24.77 3.00 27.55
C GLN A 50 24.87 1.82 26.58
N VAL A 51 24.51 2.08 25.32
CA VAL A 51 24.59 1.05 24.30
C VAL A 51 26.01 0.96 23.73
N ILE A 52 26.81 2.01 23.85
CA ILE A 52 28.12 2.04 23.23
C ILE A 52 29.10 2.83 24.09
N CYS A 53 30.36 2.40 24.08
CA CYS A 53 31.40 3.08 24.85
C CYS A 53 31.47 4.55 24.45
N PRO A 54 31.35 5.48 25.39
CA PRO A 54 31.34 6.91 25.02
C PRO A 54 32.57 7.37 24.28
N ASN A 55 33.74 6.73 24.50
CA ASN A 55 34.96 7.18 23.84
C ASN A 55 34.93 6.88 22.35
N ILE A 56 34.24 5.82 21.93
CA ILE A 56 34.06 5.57 20.50
C ILE A 56 33.28 6.70 19.86
N ILE A 57 32.20 7.13 20.54
CA ILE A 57 31.38 8.23 20.05
C ILE A 57 32.20 9.51 20.01
N ALA A 58 33.01 9.76 21.04
CA ALA A 58 33.80 10.99 21.06
C ALA A 58 34.81 11.01 19.92
N LYS A 59 35.38 9.83 19.62
CA LYS A 59 36.30 9.74 18.49
C LYS A 59 35.60 10.08 17.18
N ILE A 60 34.44 9.46 16.92
CA ILE A 60 33.69 9.81 15.71
C ILE A 60 33.33 11.30 15.71
N SER A 61 32.95 11.82 16.87
CA SER A 61 32.62 13.24 16.97
C SER A 61 33.80 14.13 16.55
N ASP A 62 35.01 13.76 16.99
CA ASP A 62 36.20 14.51 16.57
C ASP A 62 36.40 14.46 15.05
N ASP A 63 36.28 13.26 14.46
CA ASP A 63 36.41 13.14 13.01
C ASP A 63 35.42 14.05 12.28
N VAL A 64 34.17 14.05 12.73
CA VAL A 64 33.13 14.88 12.12
C VAL A 64 33.44 16.36 12.30
N ASN A 65 33.88 16.77 13.49
CA ASN A 65 34.20 18.17 13.73
C ASN A 65 35.35 18.64 12.85
N ARG A 66 36.27 17.74 12.51
CA ARG A 66 37.38 18.11 11.64
C ARG A 66 36.91 18.64 10.28
N VAL A 67 35.77 18.14 9.77
CA VAL A 67 35.38 18.41 8.38
C VAL A 67 34.04 19.14 8.29
N MET A 68 33.51 19.64 9.42
CA MET A 68 32.18 20.24 9.42
C MET A 68 32.11 21.46 8.50
N ASP A 69 33.21 22.20 8.35
CA ASP A 69 33.26 23.34 7.45
C ASP A 69 33.00 22.97 5.99
N LYS A 70 32.98 21.68 5.65
CA LYS A 70 32.76 21.25 4.27
C LYS A 70 31.29 20.98 3.95
N ALA A 71 30.44 20.86 4.96
CA ALA A 71 29.08 20.40 4.73
C ALA A 71 28.18 21.49 4.15
N THR A 72 27.05 21.06 3.58
CA THR A 72 26.01 21.96 3.07
C THR A 72 25.14 22.46 4.21
N ILE A 73 24.89 23.76 4.26
CA ILE A 73 23.95 24.34 5.22
C ILE A 73 22.56 24.27 4.62
N GLY A 74 21.59 23.83 5.41
CA GLY A 74 20.21 23.83 4.92
C GLY A 74 19.97 22.82 3.81
N ALA A 75 19.13 23.23 2.86
CA ALA A 75 18.62 22.33 1.83
C ALA A 75 19.72 21.84 0.91
N LYS A 76 19.57 20.60 0.45
CA LYS A 76 20.37 20.12 -0.66
C LYS A 76 19.79 20.66 -1.98
N LYS A 77 20.60 20.62 -3.03
CA LYS A 77 20.21 21.26 -4.29
C LYS A 77 18.89 20.69 -4.82
N GLY A 78 17.89 21.56 -4.96
CA GLY A 78 16.64 21.20 -5.59
C GLY A 78 15.59 20.57 -4.70
N GLU A 79 15.87 20.41 -3.40
CA GLU A 79 14.98 19.68 -2.51
C GLU A 79 14.05 20.66 -1.79
N GLN A 80 12.73 20.47 -1.96
CA GLN A 80 11.76 21.27 -1.23
C GLN A 80 11.98 21.13 0.27
N THR A 81 11.70 22.20 1.01
CA THR A 81 12.01 22.26 2.44
C THR A 81 10.79 22.23 3.36
N HIS A 82 9.58 22.40 2.83
CA HIS A 82 8.43 22.70 3.68
C HIS A 82 7.87 21.48 4.41
N ILE A 83 8.27 20.25 4.07
CA ILE A 83 7.61 19.10 4.70
C ILE A 83 8.13 18.91 6.13
N ILE A 84 9.45 19.01 6.33
CA ILE A 84 10.06 18.88 7.65
C ILE A 84 10.56 20.21 8.20
N ASN A 85 10.39 21.32 7.47
CA ASN A 85 10.95 22.64 7.83
C ASN A 85 12.48 22.60 7.85
N MET A 86 13.05 22.23 6.70
CA MET A 86 14.49 22.33 6.49
C MET A 86 14.89 23.80 6.33
N HIS A 87 15.82 24.28 7.17
CA HIS A 87 16.18 25.69 7.24
C HIS A 87 17.68 25.86 7.46
N ASN A 88 18.15 27.09 7.35
CA ASN A 88 19.58 27.36 7.29
C ASN A 88 20.25 27.51 8.65
N ARG A 89 19.58 27.13 9.75
CA ARG A 89 20.24 26.92 11.03
C ARG A 89 20.42 25.45 11.34
N THR A 90 20.32 24.59 10.31
CA THR A 90 20.56 23.16 10.41
C THR A 90 21.61 22.75 9.39
N ILE A 91 22.52 21.86 9.79
CA ILE A 91 23.48 21.26 8.88
C ILE A 91 23.30 19.75 8.95
N HIS A 92 23.02 19.12 7.83
CA HIS A 92 23.04 17.67 7.70
C HIS A 92 24.25 17.28 6.88
N MET A 93 24.95 16.22 7.29
CA MET A 93 26.19 15.85 6.58
C MET A 93 26.35 14.34 6.48
N GLY A 94 26.49 13.83 5.26
CA GLY A 94 26.80 12.42 5.00
C GLY A 94 28.29 12.20 4.81
N ASP A 95 28.62 11.22 3.95
CA ASP A 95 30.02 10.91 3.62
C ASP A 95 30.81 10.36 4.81
N LEU A 96 30.14 9.65 5.72
CA LEU A 96 30.77 9.26 6.99
C LEU A 96 31.75 8.10 6.84
N VAL A 97 31.58 7.25 5.82
CA VAL A 97 32.48 6.13 5.61
C VAL A 97 33.91 6.62 5.42
N LEU A 98 34.09 7.66 4.60
CA LEU A 98 35.42 8.22 4.37
C LEU A 98 35.83 9.18 5.47
N THR A 99 34.87 9.74 6.20
CA THR A 99 35.20 10.71 7.24
C THR A 99 35.78 10.06 8.49
N SER A 100 35.36 8.83 8.83
CA SER A 100 35.65 8.24 10.13
C SER A 100 35.87 6.73 10.02
N LYS A 101 37.11 6.30 10.22
CA LYS A 101 37.41 4.88 10.30
C LYS A 101 36.69 4.22 11.48
N THR A 102 36.61 4.93 12.61
CA THR A 102 35.91 4.42 13.77
C THR A 102 34.43 4.15 13.45
N TYR A 103 33.83 4.99 12.61
CA TYR A 103 32.46 4.75 12.15
C TYR A 103 32.38 3.46 11.33
N ARG A 104 33.30 3.27 10.37
CA ARG A 104 33.26 2.07 9.53
C ARG A 104 33.44 0.80 10.35
N ASP A 105 34.35 0.82 11.29
CA ASP A 105 34.74 -0.41 11.96
C ASP A 105 33.93 -0.68 13.22
N GLU A 106 33.63 0.36 14.01
CA GLU A 106 32.92 0.14 15.26
C GLU A 106 31.41 0.32 15.14
N LEU A 107 30.96 1.49 14.67
CA LEU A 107 29.53 1.80 14.72
C LEU A 107 28.73 0.91 13.77
N LEU A 108 29.21 0.72 12.55
CA LEU A 108 28.48 -0.09 11.59
C LEU A 108 28.36 -1.55 12.02
N ASN A 109 29.19 -2.00 12.96
CA ASN A 109 29.17 -3.38 13.43
C ASN A 109 28.55 -3.54 14.81
N LEU A 110 27.88 -2.53 15.35
CA LEU A 110 27.44 -2.62 16.76
C LEU A 110 26.38 -3.71 16.92
N PRO A 111 26.63 -4.76 17.70
CA PRO A 111 25.71 -5.92 17.69
C PRO A 111 24.31 -5.61 18.17
N PHE A 112 24.15 -4.79 19.21
CA PHE A 112 22.80 -4.44 19.68
C PHE A 112 21.94 -3.88 18.55
N ALA A 113 22.50 -2.93 17.79
CA ALA A 113 21.78 -2.32 16.68
C ALA A 113 21.32 -3.38 15.68
N HIS A 114 22.23 -4.29 15.30
CA HIS A 114 21.91 -5.32 14.33
C HIS A 114 20.88 -6.33 14.86
N GLU A 115 20.85 -6.57 16.16
CA GLU A 115 19.83 -7.43 16.74
C GLU A 115 18.45 -6.80 16.60
N VAL A 116 18.36 -5.49 16.88
CA VAL A 116 17.09 -4.79 16.70
C VAL A 116 16.68 -4.77 15.23
N LEU A 117 17.63 -4.47 14.34
CA LEU A 117 17.29 -4.34 12.91
C LEU A 117 16.85 -5.68 12.33
N GLU A 118 17.53 -6.77 12.70
CA GLU A 118 17.09 -8.08 12.22
C GLU A 118 15.69 -8.41 12.72
N LYS A 119 15.41 -8.11 14.00
CA LYS A 119 14.05 -8.32 14.50
C LYS A 119 13.03 -7.49 13.73
N VAL A 120 13.39 -6.27 13.32
CA VAL A 120 12.45 -5.41 12.61
C VAL A 120 12.22 -5.92 11.19
N PHE A 121 13.28 -6.26 10.46
CA PHE A 121 13.19 -6.35 9.01
C PHE A 121 13.11 -7.76 8.44
N LYS A 122 13.64 -8.78 9.13
CA LYS A 122 13.97 -10.04 8.47
C LYS A 122 12.74 -10.78 7.97
N LYS A 123 11.66 -10.80 8.76
CA LYS A 123 10.49 -11.58 8.38
C LYS A 123 9.69 -10.86 7.30
N ASP A 124 9.39 -9.58 7.49
CA ASP A 124 8.54 -8.87 6.53
C ASP A 124 9.28 -8.52 5.25
N SER A 125 10.58 -8.34 5.31
CA SER A 125 11.29 -7.70 4.21
C SER A 125 12.54 -8.44 3.76
N GLY A 126 13.31 -9.01 4.69
CA GLY A 126 14.55 -9.68 4.33
C GLY A 126 15.77 -8.91 4.78
N ASP A 127 16.85 -8.92 3.99
CA ASP A 127 18.05 -8.19 4.35
C ASP A 127 17.78 -6.68 4.40
N TYR A 128 18.59 -5.97 5.17
CA TYR A 128 18.50 -4.53 5.31
C TYR A 128 19.87 -3.91 5.03
N TRP A 129 19.87 -2.60 4.78
CA TRP A 129 21.11 -1.84 4.62
C TRP A 129 20.80 -0.38 4.94
N LEU A 130 21.82 0.47 4.83
CA LEU A 130 21.66 1.86 5.21
C LEU A 130 20.89 2.65 4.15
N ASN A 131 19.95 3.48 4.60
CA ASN A 131 19.54 4.64 3.80
C ASN A 131 20.71 5.60 3.68
N MET A 132 21.30 5.91 4.83
CA MET A 132 22.57 6.63 4.92
C MET A 132 22.96 6.70 6.38
N GLY A 133 24.18 7.17 6.64
CA GLY A 133 24.57 7.71 7.93
C GLY A 133 24.66 9.22 7.82
N ASN A 134 24.08 9.92 8.77
CA ASN A 134 23.83 11.34 8.59
C ASN A 134 24.09 12.11 9.88
N ILE A 135 24.99 13.08 9.83
CA ILE A 135 25.19 14.02 10.92
C ILE A 135 24.04 15.03 10.97
N LEU A 136 23.51 15.25 12.17
CA LEU A 136 22.39 16.15 12.47
C LEU A 136 22.91 17.27 13.39
N ASN A 137 23.20 18.41 12.81
CA ASN A 137 23.76 19.52 13.55
C ASN A 137 22.70 20.63 13.58
N MET A 138 22.00 20.76 14.71
CA MET A 138 21.12 21.90 14.94
C MET A 138 21.97 23.01 15.56
N LEU A 139 22.14 24.10 14.81
CA LEU A 139 22.95 25.23 15.25
C LEU A 139 22.20 26.05 16.30
N PRO A 140 22.90 26.91 17.05
CA PRO A 140 22.22 27.79 18.01
C PRO A 140 21.16 28.65 17.33
N GLY A 141 19.99 28.72 17.94
CA GLY A 141 18.86 29.40 17.38
C GLY A 141 18.07 28.60 16.37
N ALA A 142 18.42 27.33 16.16
CA ALA A 142 17.67 26.49 15.23
C ALA A 142 16.22 26.38 15.65
N GLU A 143 15.33 26.63 14.70
CA GLU A 143 13.90 26.43 14.88
C GLU A 143 13.55 24.95 14.85
N ALA A 144 12.52 24.57 15.60
CA ALA A 144 12.05 23.19 15.56
C ALA A 144 11.53 22.83 14.16
N GLN A 145 11.63 21.55 13.82
CA GLN A 145 11.06 21.00 12.60
C GLN A 145 9.55 20.80 12.74
N ARG A 146 8.89 20.62 11.61
CA ARG A 146 7.50 20.12 11.62
C ARG A 146 7.54 18.64 11.94
N PRO A 147 6.88 18.18 13.00
CA PRO A 147 6.78 16.72 13.27
C PRO A 147 6.29 15.96 12.04
N HIS A 148 6.99 14.84 11.73
CA HIS A 148 6.76 14.13 10.48
C HIS A 148 7.06 12.64 10.64
N ARG A 149 6.79 11.89 9.57
CA ARG A 149 7.16 10.49 9.41
C ARG A 149 8.29 10.41 8.37
N ASP A 150 9.43 9.80 8.75
CA ASP A 150 10.55 9.69 7.81
C ASP A 150 10.19 8.83 6.59
N ASP A 151 9.23 7.90 6.73
CA ASP A 151 8.94 7.04 5.59
C ASP A 151 8.27 7.80 4.46
N TYR A 152 7.91 9.06 4.68
CA TYR A 152 7.43 9.90 3.58
C TYR A 152 8.46 9.97 2.45
N LEU A 153 9.74 9.70 2.74
CA LEU A 153 10.73 9.70 1.68
C LEU A 153 10.34 8.75 0.54
N TYR A 154 9.70 7.62 0.86
CA TYR A 154 9.39 6.59 -0.12
C TYR A 154 7.92 6.61 -0.46
N PRO A 155 7.53 6.97 -1.70
CA PRO A 155 6.11 7.23 -1.99
C PRO A 155 5.17 6.06 -1.71
N VAL A 156 5.65 4.82 -1.75
CA VAL A 156 4.78 3.67 -1.48
C VAL A 156 4.25 3.69 -0.05
N SER A 157 4.94 4.37 0.88
CA SER A 157 4.43 4.45 2.24
C SER A 157 3.03 5.09 2.28
N GLN A 158 2.72 5.96 1.31
CA GLN A 158 1.42 6.61 1.31
C GLN A 158 0.30 5.72 0.79
N HIS A 159 0.65 4.56 0.23
CA HIS A 159 -0.33 3.62 -0.33
C HIS A 159 -0.52 2.39 0.54
N MET A 160 0.05 2.36 1.74
CA MET A 160 -0.07 1.21 2.61
C MET A 160 -0.66 1.67 3.94
N ASP A 161 -1.44 0.79 4.57
CA ASP A 161 -2.00 1.06 5.90
C ASP A 161 -0.90 1.04 6.95
N PRO A 162 -0.67 2.14 7.68
CA PRO A 162 0.37 2.13 8.74
C PRO A 162 0.16 1.09 9.82
N ALA A 163 -1.10 0.70 10.09
CA ALA A 163 -1.37 -0.25 11.14
C ALA A 163 -0.83 -1.64 10.82
N THR A 164 -0.70 -1.98 9.54
CA THR A 164 -0.38 -3.35 9.14
C THR A 164 0.77 -3.46 8.14
N SER A 165 1.36 -2.36 7.72
CA SER A 165 2.32 -2.45 6.63
C SER A 165 3.73 -2.67 7.19
N PRO A 166 4.65 -3.19 6.39
CA PRO A 166 6.01 -3.41 6.89
C PRO A 166 6.68 -2.09 7.20
N ASP A 167 7.65 -2.12 8.11
CA ASP A 167 8.42 -0.93 8.40
C ASP A 167 9.41 -0.70 7.26
N LEU A 168 9.44 0.52 6.74
CA LEU A 168 10.39 0.87 5.69
C LEU A 168 11.67 1.49 6.23
N MET A 169 11.70 1.91 7.50
CA MET A 169 12.88 2.59 8.03
C MET A 169 13.01 2.40 9.55
N ILE A 170 14.26 2.32 10.00
CA ILE A 170 14.61 2.44 11.41
C ILE A 170 15.72 3.47 11.52
N ASN A 171 15.54 4.46 12.39
CA ASN A 171 16.53 5.49 12.71
C ASN A 171 17.16 5.18 14.07
N ILE A 172 18.49 5.09 14.10
CA ILE A 172 19.24 4.99 15.35
C ILE A 172 20.09 6.24 15.47
N THR A 173 19.73 7.14 16.36
CA THR A 173 20.42 8.41 16.56
C THR A 173 21.33 8.33 17.81
N PHE A 174 22.62 8.55 17.62
CA PHE A 174 23.57 8.61 18.72
C PHE A 174 23.87 10.07 19.03
N PRO A 175 23.60 10.60 20.23
CA PRO A 175 24.03 11.97 20.52
C PRO A 175 25.54 12.03 20.51
N LEU A 176 26.08 13.07 19.90
CA LEU A 176 27.51 13.34 19.99
C LEU A 176 27.84 14.36 21.07
N ASN A 177 26.83 15.02 21.62
CA ASN A 177 26.92 15.79 22.86
C ASN A 177 25.55 15.64 23.52
N GLU A 178 25.45 16.08 24.77
CA GLU A 178 24.22 15.87 25.52
C GLU A 178 23.01 16.40 24.76
N PHE A 179 21.93 15.60 24.71
CA PHE A 179 20.63 16.03 24.20
C PHE A 179 19.76 16.39 25.39
N ARG A 180 19.20 17.60 25.38
CA ARG A 180 18.17 18.01 26.35
C ARG A 180 17.07 18.73 25.57
N HIS A 181 15.93 18.96 26.23
CA HIS A 181 14.84 19.67 25.55
C HIS A 181 15.32 21.03 25.06
N ASP A 182 16.08 21.75 25.90
CA ASP A 182 16.40 23.14 25.61
C ASP A 182 17.40 23.30 24.46
N ASN A 183 18.20 22.29 24.15
CA ASN A 183 19.13 22.43 23.03
C ASN A 183 18.67 21.68 21.80
N GLY A 184 17.40 21.28 21.76
CA GLY A 184 16.78 20.77 20.56
C GLY A 184 16.80 19.27 20.38
N GLY A 185 17.00 18.52 21.46
CA GLY A 185 16.96 17.06 21.39
C GLY A 185 15.68 16.60 20.72
N THR A 186 15.77 15.50 19.98
CA THR A 186 14.72 15.06 19.07
C THR A 186 13.37 14.99 19.75
N LEU A 187 12.40 15.69 19.19
CA LEU A 187 11.02 15.61 19.63
C LEU A 187 10.36 14.34 19.08
N LEU A 188 9.53 13.71 19.90
CA LEU A 188 8.90 12.44 19.55
C LEU A 188 7.45 12.45 20.03
N LEU A 189 6.60 11.72 19.31
CA LEU A 189 5.22 11.50 19.72
C LEU A 189 5.04 10.00 19.92
N PRO A 190 5.26 9.49 21.14
CA PRO A 190 5.19 8.03 21.34
C PRO A 190 3.80 7.50 21.03
N LYS A 191 3.76 6.30 20.43
CA LYS A 191 2.56 5.53 20.08
C LYS A 191 1.80 6.14 18.89
N SER A 192 2.47 6.97 18.08
CA SER A 192 1.90 7.57 16.88
C SER A 192 2.20 6.78 15.62
N HIS A 193 2.74 5.58 15.74
CA HIS A 193 3.24 4.81 14.60
C HIS A 193 2.20 3.86 14.00
N THR A 194 0.96 3.82 14.51
CA THR A 194 -0.06 3.01 13.86
C THR A 194 -1.19 3.82 13.24
N GLY A 195 -1.23 5.13 13.42
CA GLY A 195 -2.32 5.92 12.90
C GLY A 195 -2.17 6.20 11.42
N PRO A 196 -3.26 6.66 10.81
CA PRO A 196 -3.25 6.96 9.37
C PRO A 196 -2.22 8.02 9.01
N ASN A 197 -1.71 7.96 7.79
CA ASN A 197 -0.83 9.02 7.30
C ASN A 197 -1.59 10.33 7.24
N ALA A 198 -0.91 11.44 7.51
CA ALA A 198 -1.58 12.73 7.55
C ALA A 198 -0.60 13.81 7.15
N ASP A 199 -1.16 14.96 6.73
CA ASP A 199 -0.34 16.11 6.37
C ASP A 199 0.05 16.95 7.57
N PHE A 200 -0.65 16.78 8.70
CA PHE A 200 -0.30 17.44 9.95
C PHE A 200 -0.47 16.44 11.08
N TYR A 201 0.52 16.35 11.97
CA TYR A 201 0.43 15.46 13.12
C TYR A 201 0.37 16.19 14.45
N ALA A 202 1.23 17.17 14.67
CA ALA A 202 1.25 17.89 15.94
C ALA A 202 2.10 19.13 15.76
N ASN A 203 1.95 20.07 16.70
CA ASN A 203 2.90 21.17 16.81
C ASN A 203 4.09 20.72 17.64
N ALA A 204 5.29 21.19 17.27
CA ALA A 204 6.50 20.77 17.96
C ALA A 204 6.45 21.07 19.45
N GLU A 205 5.89 22.23 19.82
CA GLU A 205 5.87 22.65 21.21
C GLU A 205 5.10 21.70 22.12
N ASP A 206 4.28 20.80 21.58
CA ASP A 206 3.53 19.87 22.40
C ASP A 206 4.24 18.52 22.61
N LEU A 207 5.45 18.33 22.06
CA LEU A 207 6.04 17.00 22.12
C LEU A 207 7.18 16.93 23.15
N PRO A 208 7.36 15.78 23.78
CA PRO A 208 8.53 15.59 24.64
C PRO A 208 9.78 15.39 23.80
N ALA A 209 10.92 15.78 24.38
CA ALA A 209 12.23 15.62 23.76
C ALA A 209 12.93 14.38 24.28
N ALA A 210 13.75 13.77 23.42
CA ALA A 210 14.65 12.68 23.83
C ALA A 210 15.88 13.29 24.49
N GLU A 211 16.05 13.05 25.79
CA GLU A 211 17.16 13.57 26.57
C GLU A 211 18.11 12.42 26.90
N MET A 212 19.35 12.54 26.44
CA MET A 212 20.28 11.43 26.46
C MET A 212 21.71 11.95 26.58
N GLN A 213 22.60 11.05 26.98
CA GLN A 213 24.01 11.32 27.11
C GLN A 213 24.76 10.61 26.00
N VAL A 214 25.97 11.10 25.72
CA VAL A 214 26.87 10.38 24.84
C VAL A 214 27.02 8.93 25.31
N GLY A 215 26.95 8.00 24.36
CA GLY A 215 26.94 6.57 24.66
C GLY A 215 25.54 5.96 24.66
N ASP A 216 24.50 6.78 24.71
CA ASP A 216 23.12 6.32 24.56
C ASP A 216 22.72 6.38 23.07
N ALA A 217 21.54 5.83 22.76
CA ALA A 217 20.98 5.94 21.41
C ALA A 217 19.46 6.00 21.48
N LEU A 218 18.86 6.75 20.57
CA LEU A 218 17.42 6.76 20.37
C LEU A 218 17.10 5.95 19.12
N ILE A 219 16.15 5.02 19.23
CA ILE A 219 15.72 4.20 18.09
C ILE A 219 14.25 4.54 17.82
N PHE A 220 13.90 4.85 16.56
CA PHE A 220 12.49 5.04 16.23
C PHE A 220 12.22 4.60 14.80
N THR A 221 10.97 4.19 14.52
CA THR A 221 10.62 3.67 13.21
C THR A 221 10.25 4.80 12.24
N GLY A 222 10.20 4.45 10.96
CA GLY A 222 9.78 5.38 9.92
C GLY A 222 8.34 5.86 10.04
N LYS A 223 7.56 5.27 10.94
CA LYS A 223 6.18 5.68 11.19
C LYS A 223 6.01 6.49 12.48
N CYS A 224 7.07 6.65 13.26
CA CYS A 224 6.96 7.43 14.50
C CYS A 224 7.04 8.91 14.19
N VAL A 225 6.04 9.67 14.64
CA VAL A 225 6.02 11.12 14.46
C VAL A 225 7.11 11.75 15.33
N HIS A 226 7.90 12.64 14.73
CA HIS A 226 9.11 13.15 15.38
C HIS A 226 9.61 14.36 14.62
N GLY A 227 10.57 15.06 15.23
CA GLY A 227 11.29 16.08 14.49
C GLY A 227 12.38 16.72 15.32
N GLY A 228 13.32 17.36 14.63
CA GLY A 228 14.35 18.14 15.30
C GLY A 228 13.74 19.18 16.23
N GLY A 229 14.29 19.35 17.44
CA GLY A 229 13.78 20.36 18.35
C GLY A 229 14.39 21.75 18.10
N ALA A 230 13.87 22.73 18.83
CA ALA A 230 14.43 24.08 18.80
C ALA A 230 15.64 24.16 19.70
N ASN A 231 16.75 24.67 19.17
CA ASN A 231 17.98 24.80 19.94
C ASN A 231 18.06 26.25 20.47
N ARG A 232 17.73 26.42 21.75
CA ARG A 232 17.80 27.71 22.40
C ARG A 232 19.06 27.89 23.23
N SER A 233 19.99 26.94 23.16
CA SER A 233 21.27 27.14 23.81
C SER A 233 22.19 27.93 22.88
N ASP A 234 23.43 28.17 23.32
CA ASP A 234 24.41 28.84 22.48
C ASP A 234 25.44 27.87 21.90
N LYS A 235 25.21 26.57 21.99
CA LYS A 235 26.12 25.61 21.38
C LYS A 235 25.39 24.70 20.41
N PRO A 236 26.07 24.22 19.38
CA PRO A 236 25.45 23.24 18.47
C PRO A 236 25.04 21.96 19.18
N ARG A 237 23.93 21.38 18.72
CA ARG A 237 23.45 20.10 19.21
C ARG A 237 23.58 19.11 18.06
N ILE A 238 24.46 18.10 18.22
CA ILE A 238 24.88 17.27 17.10
C ILE A 238 24.65 15.80 17.44
N GLY A 239 23.93 15.11 16.56
CA GLY A 239 23.74 13.68 16.68
C GLY A 239 24.13 13.02 15.37
N LEU A 240 24.23 11.70 15.41
CA LEU A 240 24.54 10.91 14.22
C LEU A 240 23.44 9.89 14.01
N ALA A 241 22.79 9.93 12.85
CA ALA A 241 21.66 9.06 12.51
C ALA A 241 22.17 7.92 11.64
N LEU A 242 22.16 6.71 12.18
CA LEU A 242 22.31 5.48 11.41
C LEU A 242 20.91 5.07 10.97
N ALA A 243 20.59 5.32 9.70
CA ALA A 243 19.25 5.03 9.19
C ALA A 243 19.32 3.86 8.23
N ALA A 244 18.55 2.79 8.56
CA ALA A 244 18.50 1.54 7.82
C ALA A 244 17.10 1.25 7.28
N GLN A 245 17.04 0.40 6.24
CA GLN A 245 15.83 0.13 5.48
C GLN A 245 15.97 -1.22 4.77
N PRO A 246 14.88 -1.80 4.27
CA PRO A 246 15.00 -3.02 3.47
C PRO A 246 15.93 -2.83 2.28
N GLY A 247 16.68 -3.88 1.98
CA GLY A 247 17.55 -3.86 0.81
C GLY A 247 16.84 -3.55 -0.49
N TYR A 248 15.53 -3.82 -0.57
CA TYR A 248 14.83 -3.51 -1.83
C TYR A 248 14.50 -2.02 -1.98
N LEU A 249 14.84 -1.18 -1.02
CA LEU A 249 14.69 0.27 -1.16
C LEU A 249 16.04 0.90 -1.46
N THR A 250 16.07 1.85 -2.39
CA THR A 250 17.32 2.50 -2.84
C THR A 250 17.92 3.41 -1.76
N PRO A 251 19.18 3.21 -1.36
CA PRO A 251 19.78 4.12 -0.37
C PRO A 251 19.79 5.56 -0.88
N ARG A 252 19.62 6.50 0.05
CA ARG A 252 19.79 7.92 -0.29
C ARG A 252 21.23 8.21 -0.69
N GLU A 253 22.19 7.54 -0.04
CA GLU A 253 23.61 7.78 -0.26
C GLU A 253 24.24 6.53 -0.85
N SER A 254 24.86 6.69 -2.01
CA SER A 254 25.71 5.66 -2.59
C SER A 254 27.11 5.75 -2.01
N ASN A 255 27.82 4.61 -2.04
CA ASN A 255 29.22 4.52 -1.61
C ASN A 255 30.12 3.96 -2.70
N VAL A 256 29.77 4.14 -3.97
CA VAL A 256 30.59 3.57 -5.05
C VAL A 256 31.89 4.34 -5.25
N ASN A 257 32.01 5.54 -4.69
CA ASN A 257 33.23 6.34 -4.75
CA ASN A 257 33.24 6.31 -4.77
C ASN A 257 34.23 5.97 -3.66
N VAL A 258 33.89 5.07 -2.76
CA VAL A 258 34.81 4.67 -1.68
C VAL A 258 35.85 3.73 -2.26
N PRO A 259 37.15 4.05 -2.17
CA PRO A 259 38.18 3.16 -2.73
C PRO A 259 38.01 1.72 -2.26
N ARG A 260 38.16 0.80 -3.21
CA ARG A 260 37.96 -0.62 -2.92
C ARG A 260 38.91 -1.09 -1.81
N ASP A 261 40.14 -0.56 -1.80
CA ASP A 261 41.09 -0.92 -0.75
C ASP A 261 40.52 -0.63 0.64
N ILE A 262 39.76 0.45 0.77
CA ILE A 262 39.15 0.76 2.06
C ILE A 262 37.96 -0.17 2.33
N VAL A 263 37.18 -0.49 1.29
CA VAL A 263 36.03 -1.37 1.52
C VAL A 263 36.51 -2.74 2.01
N GLU A 264 37.64 -3.23 1.49
CA GLU A 264 38.07 -4.57 1.88
C GLU A 264 38.64 -4.62 3.30
N THR A 265 38.83 -3.48 3.99
CA THR A 265 39.14 -3.54 5.42
C THR A 265 37.91 -3.61 6.31
N MET A 266 36.70 -3.65 5.73
CA MET A 266 35.47 -3.70 6.49
C MET A 266 34.95 -5.13 6.58
N THR A 267 34.10 -5.39 7.58
CA THR A 267 33.50 -6.70 7.71
C THR A 267 32.47 -6.92 6.58
N PRO A 268 32.09 -8.18 6.31
CA PRO A 268 31.05 -8.41 5.29
C PRO A 268 29.72 -7.75 5.63
N LEU A 269 29.38 -7.71 6.93
CA LEU A 269 28.16 -7.03 7.35
C LEU A 269 28.22 -5.54 7.03
N ALA A 270 29.31 -4.86 7.45
CA ALA A 270 29.41 -3.44 7.19
C ALA A 270 29.47 -3.15 5.68
N GLN A 271 30.11 -4.04 4.93
CA GLN A 271 30.10 -3.91 3.47
C GLN A 271 28.68 -3.91 2.93
N ARG A 272 27.86 -4.87 3.38
CA ARG A 272 26.47 -4.86 2.92
C ARG A 272 25.78 -3.57 3.32
N MET A 273 26.01 -3.11 4.56
CA MET A 273 25.35 -1.91 5.05
C MET A 273 25.60 -0.71 4.14
N ILE A 274 26.82 -0.60 3.59
CA ILE A 274 27.14 0.54 2.75
C ILE A 274 26.93 0.26 1.25
N GLY A 275 26.22 -0.82 0.92
CA GLY A 275 25.87 -1.07 -0.45
C GLY A 275 26.86 -1.90 -1.25
N TRP A 276 27.97 -2.31 -0.65
CA TRP A 276 28.92 -3.19 -1.33
C TRP A 276 28.59 -4.65 -1.02
N GLY A 277 27.38 -5.05 -1.39
CA GLY A 277 26.96 -6.42 -1.19
C GLY A 277 25.58 -6.65 -1.76
N THR A 278 25.30 -7.92 -2.02
CA THR A 278 23.98 -8.36 -2.43
C THR A 278 23.04 -8.38 -1.23
N VAL A 279 21.76 -8.06 -1.48
CA VAL A 279 20.74 -8.03 -0.43
C VAL A 279 19.56 -8.89 -0.88
N ARG A 280 19.14 -9.84 -0.04
CA ARG A 280 18.13 -10.81 -0.42
C ARG A 280 16.80 -10.46 0.24
N THR A 281 15.73 -10.50 -0.55
CA THR A 281 14.41 -10.27 0.01
C THR A 281 14.01 -11.46 0.89
N LYS A 282 12.89 -11.29 1.60
CA LYS A 282 12.36 -12.38 2.39
C LYS A 282 11.88 -13.53 1.52
N ASP A 283 11.71 -13.31 0.22
CA ASP A 283 11.31 -14.37 -0.70
C ASP A 283 12.50 -15.13 -1.30
N THR A 284 13.73 -14.79 -0.87
CA THR A 284 15.05 -15.33 -1.26
C THR A 284 15.60 -14.68 -2.53
N TYR A 285 14.90 -13.74 -3.15
CA TYR A 285 15.38 -13.20 -4.42
C TYR A 285 16.48 -12.16 -4.18
N GLY A 286 17.52 -12.22 -5.00
CA GLY A 286 18.67 -11.35 -4.84
C GLY A 286 18.47 -9.99 -5.51
N LEU A 287 18.94 -8.95 -4.84
CA LEU A 287 19.02 -7.63 -5.43
C LEU A 287 20.44 -7.12 -5.28
N ASN A 288 20.80 -6.15 -6.11
CA ASN A 288 22.19 -5.63 -6.13
C ASN A 288 23.17 -6.77 -6.42
N MET A 289 22.80 -7.63 -7.37
CA MET A 289 23.69 -8.67 -7.88
C MET A 289 24.61 -8.12 -8.97
N LEU A 290 25.67 -8.86 -9.25
CA LEU A 290 26.61 -8.50 -10.31
C LEU A 290 26.82 -9.70 -11.22
N GLN A 291 26.57 -9.50 -12.52
CA GLN A 291 26.79 -10.55 -13.51
C GLN A 291 26.12 -11.85 -13.10
N ASP A 292 24.86 -11.73 -12.68
CA ASP A 292 24.00 -12.86 -12.33
C ASP A 292 24.53 -13.66 -11.15
N LYS A 293 25.39 -13.06 -10.33
CA LYS A 293 25.96 -13.74 -9.16
C LYS A 293 25.96 -12.80 -7.97
N ASP A 294 26.36 -13.35 -6.83
CA ASP A 294 26.55 -12.56 -5.63
C ASP A 294 27.57 -11.45 -5.87
N PHE A 295 27.31 -10.27 -5.27
CA PHE A 295 28.19 -9.11 -5.40
C PHE A 295 29.65 -9.45 -5.05
N HIS A 296 29.88 -9.99 -3.83
CA HIS A 296 31.24 -10.36 -3.40
C HIS A 296 31.87 -11.37 -4.35
N GLU A 297 31.11 -12.38 -4.78
CA GLU A 297 31.66 -13.40 -5.66
C GLU A 297 32.07 -12.83 -7.00
N ALA A 298 31.24 -11.95 -7.58
CA ALA A 298 31.55 -11.41 -8.90
C ALA A 298 32.77 -10.51 -8.86
N LEU A 299 32.96 -9.77 -7.76
CA LEU A 299 34.15 -8.93 -7.67
C LEU A 299 35.38 -9.68 -7.19
N GLY A 300 35.21 -10.83 -6.54
CA GLY A 300 36.29 -11.36 -5.73
C GLY A 300 36.67 -10.41 -4.62
N LEU A 301 35.67 -9.80 -3.97
CA LEU A 301 35.89 -8.74 -3.00
C LEU A 301 36.29 -9.31 -1.65
N LYS A 302 37.39 -8.83 -1.09
CA LYS A 302 37.85 -9.32 0.21
C LYS A 302 37.20 -8.53 1.34
N SER A 303 37.34 -9.04 2.56
CA SER A 303 36.76 -8.37 3.71
C SER A 303 37.47 -8.81 4.98
N LYS A 304 37.28 -8.04 6.04
CA LYS A 304 37.78 -8.39 7.37
C LYS A 304 36.83 -9.36 8.07
N MET B 21 -12.37 -13.89 -22.74
CA MET B 21 -10.94 -13.54 -22.79
C MET B 21 -10.62 -12.40 -23.77
N PRO B 22 -10.17 -11.25 -23.25
CA PRO B 22 -9.88 -10.12 -24.12
C PRO B 22 -8.62 -10.36 -24.92
N PRO B 23 -8.53 -9.82 -26.13
CA PRO B 23 -7.31 -10.01 -26.94
C PRO B 23 -6.19 -9.06 -26.51
N ILE B 24 -4.98 -9.41 -26.94
CA ILE B 24 -3.82 -8.54 -26.74
C ILE B 24 -3.86 -7.49 -27.85
N ARG B 25 -4.10 -6.22 -27.48
CA ARG B 25 -4.25 -5.18 -28.48
C ARG B 25 -2.88 -4.67 -28.94
N ARG B 26 -2.85 -4.06 -30.12
CA ARG B 26 -1.61 -3.70 -30.81
C ARG B 26 -1.71 -2.31 -31.42
N VAL B 27 -0.56 -1.62 -31.50
CA VAL B 27 -0.46 -0.38 -32.25
C VAL B 27 0.85 -0.39 -33.02
N ASN B 28 0.91 0.43 -34.07
CA ASN B 28 2.17 0.73 -34.70
C ASN B 28 2.81 1.92 -33.97
N ALA B 29 4.14 1.89 -33.83
CA ALA B 29 4.80 3.01 -33.18
C ALA B 29 4.57 4.33 -33.92
N SER B 30 4.26 4.27 -35.21
CA SER B 30 3.96 5.48 -35.97
C SER B 30 2.72 6.19 -35.46
N GLN B 31 1.85 5.50 -34.72
CA GLN B 31 0.69 6.12 -34.10
C GLN B 31 1.03 6.87 -32.81
N GLY B 32 2.26 6.81 -32.34
CA GLY B 32 2.63 7.69 -31.25
C GLY B 32 2.50 7.01 -29.89
N SER B 33 3.34 7.46 -28.95
CA SER B 33 3.43 6.81 -27.64
C SER B 33 2.19 7.03 -26.79
N ASP B 34 1.41 8.10 -27.05
CA ASP B 34 0.16 8.33 -26.32
C ASP B 34 -0.81 7.18 -26.49
N ALA B 35 -0.99 6.71 -27.74
CA ALA B 35 -1.95 5.66 -28.00
C ALA B 35 -1.52 4.33 -27.37
N ALA B 36 -0.23 4.01 -27.47
CA ALA B 36 0.32 2.87 -26.75
C ALA B 36 0.07 2.98 -25.25
N TYR B 37 0.30 4.16 -24.67
CA TYR B 37 0.13 4.32 -23.23
C TYR B 37 -1.33 4.14 -22.84
N GLN B 38 -2.25 4.67 -23.66
CA GLN B 38 -3.67 4.52 -23.35
C GLN B 38 -4.07 3.05 -23.32
N ILE B 39 -3.61 2.26 -24.29
CA ILE B 39 -3.89 0.82 -24.25
C ILE B 39 -3.24 0.17 -23.02
N LEU B 40 -2.02 0.58 -22.68
CA LEU B 40 -1.36 0.03 -21.48
C LEU B 40 -2.19 0.31 -20.22
N GLN B 41 -2.74 1.52 -20.10
CA GLN B 41 -3.57 1.87 -18.96
C GLN B 41 -4.86 1.05 -18.90
N GLU B 42 -5.45 0.78 -20.08
CA GLU B 42 -6.72 0.05 -20.11
C GLU B 42 -6.54 -1.47 -19.93
N ASP B 43 -5.43 -2.03 -20.41
CA ASP B 43 -5.25 -3.46 -20.51
C ASP B 43 -4.11 -4.02 -19.67
N GLY B 44 -3.13 -3.20 -19.27
CA GLY B 44 -1.93 -3.70 -18.66
C GLY B 44 -0.86 -4.19 -19.62
N CYS B 45 -1.13 -4.22 -20.92
CA CYS B 45 -0.18 -4.74 -21.91
C CYS B 45 -0.56 -4.18 -23.28
N VAL B 46 0.44 -4.03 -24.15
CA VAL B 46 0.24 -3.57 -25.52
C VAL B 46 1.43 -4.02 -26.35
N ILE B 47 1.17 -4.39 -27.59
CA ILE B 47 2.22 -4.69 -28.56
C ILE B 47 2.41 -3.46 -29.44
N VAL B 48 3.65 -2.98 -29.53
CA VAL B 48 4.03 -1.85 -30.37
C VAL B 48 4.83 -2.39 -31.55
N GLU B 49 4.25 -2.32 -32.75
CA GLU B 49 4.87 -2.87 -33.94
C GLU B 49 5.84 -1.85 -34.54
N GLN B 50 7.01 -2.33 -34.98
CA GLN B 50 7.98 -1.51 -35.70
C GLN B 50 8.46 -0.32 -34.87
N VAL B 51 8.75 -0.57 -33.59
CA VAL B 51 9.24 0.48 -32.69
C VAL B 51 10.74 0.71 -32.81
N ILE B 52 11.48 -0.20 -33.44
CA ILE B 52 12.93 -0.10 -33.51
C ILE B 52 13.43 -0.77 -34.80
N CYS B 53 14.48 -0.21 -35.40
CA CYS B 53 14.99 -0.77 -36.65
C CYS B 53 15.48 -2.20 -36.41
N PRO B 54 15.04 -3.17 -37.22
CA PRO B 54 15.46 -4.57 -36.99
C PRO B 54 16.97 -4.78 -37.09
N ASN B 55 17.68 -3.91 -37.80
CA ASN B 55 19.14 -4.05 -37.86
C ASN B 55 19.77 -3.89 -36.48
N ILE B 56 19.24 -2.96 -35.66
CA ILE B 56 19.79 -2.73 -34.33
C ILE B 56 19.65 -3.98 -33.46
N ILE B 57 18.43 -4.56 -33.48
CA ILE B 57 18.18 -5.78 -32.73
C ILE B 57 19.07 -6.90 -33.22
N ALA B 58 19.33 -6.95 -34.53
CA ALA B 58 20.20 -8.00 -35.04
C ALA B 58 21.62 -7.87 -34.50
N LYS B 59 22.13 -6.63 -34.42
CA LYS B 59 23.45 -6.43 -33.83
C LYS B 59 23.49 -6.89 -32.38
N ILE B 60 22.53 -6.45 -31.57
CA ILE B 60 22.52 -6.89 -30.17
C ILE B 60 22.44 -8.42 -30.11
N SER B 61 21.64 -9.03 -30.98
CA SER B 61 21.52 -10.48 -30.98
C SER B 61 22.86 -11.14 -31.26
N ASP B 62 23.64 -10.58 -32.17
CA ASP B 62 24.99 -11.11 -32.41
C ASP B 62 25.84 -11.01 -31.15
N ASP B 63 25.86 -9.82 -30.53
CA ASP B 63 26.58 -9.63 -29.27
C ASP B 63 26.22 -10.70 -28.23
N VAL B 64 24.92 -10.98 -28.08
CA VAL B 64 24.45 -11.90 -27.06
C VAL B 64 24.82 -13.34 -27.40
N ASN B 65 24.61 -13.73 -28.67
CA ASN B 65 24.96 -15.09 -29.07
C ASN B 65 26.44 -15.36 -28.86
N ARG B 66 27.28 -14.35 -29.08
CA ARG B 66 28.71 -14.54 -28.88
C ARG B 66 29.08 -14.87 -27.42
N VAL B 67 28.14 -14.79 -26.48
CA VAL B 67 28.49 -14.97 -25.06
C VAL B 67 27.44 -15.78 -24.31
N MET B 68 26.55 -16.47 -25.05
CA MET B 68 25.43 -17.17 -24.41
C MET B 68 25.89 -18.38 -23.59
N ASP B 69 26.98 -19.04 -24.00
CA ASP B 69 27.39 -20.28 -23.35
C ASP B 69 27.93 -20.06 -21.94
N LYS B 70 28.18 -18.82 -21.53
CA LYS B 70 28.64 -18.52 -20.19
C LYS B 70 27.51 -18.18 -19.24
N ALA B 71 26.27 -18.34 -19.66
CA ALA B 71 25.12 -18.00 -18.82
C ALA B 71 24.74 -19.17 -17.92
N THR B 72 24.02 -18.83 -16.84
CA THR B 72 23.54 -19.84 -15.90
C THR B 72 22.17 -20.36 -16.35
N ILE B 73 21.96 -21.66 -16.20
CA ILE B 73 20.72 -22.30 -16.62
C ILE B 73 19.79 -22.42 -15.43
N GLY B 74 18.52 -22.04 -15.60
CA GLY B 74 17.55 -22.23 -14.54
C GLY B 74 17.71 -21.23 -13.42
N ALA B 75 17.57 -21.71 -12.18
CA ALA B 75 17.57 -20.83 -11.03
C ALA B 75 18.97 -20.33 -10.71
N LYS B 76 19.07 -19.07 -10.31
CA LYS B 76 20.30 -18.57 -9.74
C LYS B 76 20.42 -18.99 -8.28
N LYS B 77 21.64 -18.94 -7.76
CA LYS B 77 21.97 -19.61 -6.51
C LYS B 77 21.05 -19.18 -5.37
N GLY B 78 20.33 -20.14 -4.80
CA GLY B 78 19.54 -19.94 -3.61
C GLY B 78 18.19 -19.28 -3.79
N GLU B 79 17.75 -19.07 -5.03
CA GLU B 79 16.44 -18.46 -5.31
C GLU B 79 15.42 -19.57 -5.53
N GLN B 80 14.38 -19.60 -4.71
CA GLN B 80 13.31 -20.57 -4.92
C GLN B 80 12.66 -20.36 -6.28
N THR B 81 12.06 -21.43 -6.81
CA THR B 81 11.64 -21.50 -8.22
C THR B 81 10.14 -21.59 -8.45
N HIS B 82 9.33 -21.71 -7.40
CA HIS B 82 7.97 -22.21 -7.57
C HIS B 82 6.93 -21.13 -7.87
N ILE B 83 7.26 -19.86 -7.68
CA ILE B 83 6.23 -18.82 -7.92
C ILE B 83 6.02 -18.63 -9.42
N ILE B 84 7.07 -18.71 -10.24
CA ILE B 84 6.98 -18.52 -11.68
C ILE B 84 7.31 -19.78 -12.47
N ASN B 85 7.62 -20.89 -11.80
CA ASN B 85 8.08 -22.13 -12.44
C ASN B 85 9.38 -21.89 -13.23
N MET B 86 10.41 -21.43 -12.52
CA MET B 86 11.73 -21.40 -13.12
C MET B 86 12.25 -22.83 -13.24
N HIS B 87 12.85 -23.16 -14.38
CA HIS B 87 13.28 -24.52 -14.63
C HIS B 87 14.51 -24.51 -15.53
N ASN B 88 15.16 -25.68 -15.62
CA ASN B 88 16.45 -25.81 -16.28
C ASN B 88 16.36 -25.92 -17.81
N ARG B 89 15.24 -25.57 -18.44
CA ARG B 89 15.18 -25.41 -19.89
C ARG B 89 14.95 -23.96 -20.30
N THR B 90 15.26 -23.02 -19.42
CA THR B 90 15.25 -21.60 -19.73
C THR B 90 16.55 -20.98 -19.26
N ILE B 91 17.14 -20.15 -20.11
CA ILE B 91 18.33 -19.38 -19.79
C ILE B 91 17.92 -17.92 -19.61
N HIS B 92 18.15 -17.35 -18.44
CA HIS B 92 18.06 -15.90 -18.27
C HIS B 92 19.48 -15.35 -18.12
N MET B 93 19.80 -14.28 -18.86
CA MET B 93 21.18 -13.77 -18.85
C MET B 93 21.21 -12.25 -18.78
N GLY B 94 21.87 -11.73 -17.76
CA GLY B 94 22.10 -10.29 -17.64
C GLY B 94 23.43 -9.83 -18.21
N ASP B 95 24.01 -8.80 -17.57
CA ASP B 95 25.33 -8.27 -17.93
C ASP B 95 25.33 -7.65 -19.33
N LEU B 96 24.22 -7.04 -19.74
CA LEU B 96 24.12 -6.57 -21.13
C LEU B 96 24.95 -5.31 -21.40
N VAL B 97 25.15 -4.44 -20.40
CA VAL B 97 25.92 -3.22 -20.63
C VAL B 97 27.29 -3.54 -21.24
N LEU B 98 28.03 -4.45 -20.61
CA LEU B 98 29.34 -4.84 -21.10
C LEU B 98 29.27 -5.77 -22.31
N THR B 99 28.14 -6.47 -22.51
CA THR B 99 28.01 -7.38 -23.65
C THR B 99 27.87 -6.64 -24.96
N SER B 100 27.06 -5.58 -25.02
CA SER B 100 26.63 -5.00 -26.28
C SER B 100 26.73 -3.49 -26.22
N LYS B 101 27.65 -2.92 -27.00
CA LYS B 101 27.73 -1.47 -27.15
C LYS B 101 26.46 -0.94 -27.79
N THR B 102 25.94 -1.65 -28.79
CA THR B 102 24.67 -1.25 -29.40
C THR B 102 23.55 -1.21 -28.38
N TYR B 103 23.58 -2.12 -27.39
CA TYR B 103 22.60 -2.04 -26.31
C TYR B 103 22.80 -0.74 -25.51
N ARG B 104 24.04 -0.43 -25.15
CA ARG B 104 24.30 0.77 -24.33
C ARG B 104 23.88 2.04 -25.05
N ASP B 105 24.08 2.10 -26.37
CA ASP B 105 23.93 3.34 -27.11
C ASP B 105 22.58 3.48 -27.79
N GLU B 106 22.08 2.44 -28.44
CA GLU B 106 20.80 2.54 -29.15
C GLU B 106 19.61 2.19 -28.26
N LEU B 107 19.62 0.99 -27.67
CA LEU B 107 18.41 0.48 -27.02
C LEU B 107 18.09 1.25 -25.74
N LEU B 108 19.11 1.58 -24.94
CA LEU B 108 18.83 2.31 -23.70
C LEU B 108 18.38 3.75 -23.95
N ASN B 109 18.49 4.27 -25.18
CA ASN B 109 18.03 5.62 -25.47
C ASN B 109 16.80 5.68 -26.36
N LEU B 110 16.14 4.54 -26.62
CA LEU B 110 15.01 4.50 -27.54
C LEU B 110 13.93 5.48 -27.08
N PRO B 111 13.63 6.53 -27.86
CA PRO B 111 12.75 7.58 -27.31
C PRO B 111 11.32 7.13 -27.06
N PHE B 112 10.76 6.26 -27.91
CA PHE B 112 9.40 5.79 -27.68
C PHE B 112 9.26 5.16 -26.29
N ALA B 113 10.23 4.30 -25.95
CA ALA B 113 10.24 3.64 -24.66
C ALA B 113 10.29 4.65 -23.51
N HIS B 114 11.14 5.67 -23.61
CA HIS B 114 11.22 6.65 -22.52
C HIS B 114 9.98 7.52 -22.43
N GLU B 115 9.34 7.82 -23.56
CA GLU B 115 8.06 8.52 -23.50
C GLU B 115 7.03 7.72 -22.71
N VAL B 116 6.94 6.41 -23.00
CA VAL B 116 5.99 5.56 -22.26
C VAL B 116 6.37 5.49 -20.76
N LEU B 117 7.66 5.29 -20.48
CA LEU B 117 8.10 5.14 -19.08
C LEU B 117 7.86 6.43 -18.28
N GLU B 118 8.13 7.58 -18.88
CA GLU B 118 7.80 8.85 -18.21
C GLU B 118 6.31 8.97 -17.93
N LYS B 119 5.46 8.60 -18.91
CA LYS B 119 4.02 8.65 -18.65
C LYS B 119 3.63 7.74 -17.48
N VAL B 120 4.28 6.57 -17.38
CA VAL B 120 3.95 5.63 -16.32
C VAL B 120 4.39 6.15 -14.95
N PHE B 121 5.60 6.69 -14.84
CA PHE B 121 6.24 6.84 -13.53
C PHE B 121 6.34 8.26 -12.98
N LYS B 122 6.36 9.28 -13.85
CA LYS B 122 6.79 10.61 -13.43
C LYS B 122 5.92 11.17 -12.31
N LYS B 123 4.58 11.05 -12.41
CA LYS B 123 3.72 11.73 -11.44
C LYS B 123 3.62 10.98 -10.12
N ASP B 124 3.47 9.65 -10.16
CA ASP B 124 3.26 8.86 -8.95
C ASP B 124 4.56 8.51 -8.23
N SER B 125 5.68 8.51 -8.94
CA SER B 125 6.91 8.00 -8.34
C SER B 125 8.11 8.90 -8.55
N GLY B 126 8.27 9.47 -9.74
CA GLY B 126 9.43 10.28 -10.04
C GLY B 126 10.31 9.64 -11.10
N ASP B 127 11.62 9.89 -11.00
CA ASP B 127 12.58 9.27 -11.90
C ASP B 127 12.51 7.75 -11.82
N TYR B 128 12.89 7.09 -12.93
CA TYR B 128 12.90 5.64 -13.05
C TYR B 128 14.28 5.21 -13.55
N TRP B 129 14.58 3.92 -13.39
CA TRP B 129 15.80 3.31 -13.90
C TRP B 129 15.58 1.81 -14.04
N LEU B 130 16.59 1.10 -14.56
CA LEU B 130 16.43 -0.32 -14.85
C LEU B 130 16.37 -1.16 -13.59
N ASN B 131 15.39 -2.07 -13.52
CA ASN B 131 15.54 -3.27 -12.70
C ASN B 131 16.69 -4.09 -13.22
N MET B 132 16.67 -4.35 -14.53
CA MET B 132 17.80 -4.95 -15.24
C MET B 132 17.40 -5.13 -16.70
N GLY B 133 18.40 -5.41 -17.52
CA GLY B 133 18.20 -5.93 -18.86
C GLY B 133 18.54 -7.40 -18.84
N ASN B 134 17.64 -8.21 -19.39
CA ASN B 134 17.66 -9.64 -19.16
C ASN B 134 17.28 -10.37 -20.43
N ILE B 135 18.23 -11.15 -20.97
CA ILE B 135 17.95 -12.06 -22.07
C ILE B 135 17.09 -13.21 -21.57
N LEU B 136 16.00 -13.48 -22.29
CA LEU B 136 15.00 -14.51 -21.98
C LEU B 136 15.10 -15.57 -23.09
N ASN B 137 15.87 -16.61 -22.84
CA ASN B 137 16.10 -17.65 -23.82
C ASN B 137 15.30 -18.88 -23.43
N MET B 138 14.38 -19.27 -24.29
CA MET B 138 13.48 -20.38 -24.02
C MET B 138 13.82 -21.47 -25.04
N LEU B 139 14.42 -22.56 -24.57
CA LEU B 139 14.86 -23.66 -25.40
C LEU B 139 13.68 -24.55 -25.78
N PRO B 140 13.79 -25.27 -26.90
CA PRO B 140 12.74 -26.24 -27.26
C PRO B 140 12.46 -27.22 -26.13
N GLY B 141 11.18 -27.52 -25.91
CA GLY B 141 10.76 -28.35 -24.79
C GLY B 141 10.51 -27.59 -23.50
N ALA B 142 10.82 -26.30 -23.45
CA ALA B 142 10.56 -25.52 -22.25
C ALA B 142 9.07 -25.47 -21.92
N GLU B 143 8.71 -25.84 -20.69
CA GLU B 143 7.32 -25.77 -20.24
C GLU B 143 6.90 -24.33 -20.02
N ALA B 144 5.58 -24.11 -20.06
CA ALA B 144 5.04 -22.78 -19.78
C ALA B 144 5.23 -22.42 -18.32
N GLN B 145 5.39 -21.12 -18.05
CA GLN B 145 5.49 -20.68 -16.68
C GLN B 145 4.11 -20.59 -16.05
N ARG B 146 4.10 -20.58 -14.73
CA ARG B 146 2.91 -20.22 -13.94
C ARG B 146 2.59 -18.74 -14.13
N PRO B 147 1.42 -18.38 -14.66
CA PRO B 147 1.08 -16.96 -14.81
C PRO B 147 1.13 -16.21 -13.49
N HIS B 148 1.72 -15.01 -13.52
CA HIS B 148 2.12 -14.28 -12.31
C HIS B 148 2.14 -12.78 -12.57
N ARG B 149 2.33 -12.02 -11.49
CA ARG B 149 2.67 -10.60 -11.57
C ARG B 149 4.13 -10.42 -11.21
N ASP B 150 4.87 -9.65 -12.03
CA ASP B 150 6.30 -9.43 -11.75
C ASP B 150 6.51 -8.63 -10.47
N ASP B 151 5.55 -7.75 -10.11
CA ASP B 151 5.77 -6.89 -8.96
C ASP B 151 5.83 -7.65 -7.64
N TYR B 152 5.56 -8.96 -7.66
CA TYR B 152 5.79 -9.78 -6.47
C TYR B 152 7.24 -9.73 -6.02
N LEU B 153 8.18 -9.40 -6.91
CA LEU B 153 9.57 -9.25 -6.49
C LEU B 153 9.73 -8.27 -5.32
N TYR B 154 8.86 -7.25 -5.24
CA TYR B 154 8.97 -6.20 -4.23
C TYR B 154 7.88 -6.40 -3.20
N PRO B 155 8.22 -6.78 -1.95
CA PRO B 155 7.17 -7.16 -1.00
C PRO B 155 6.10 -6.10 -0.75
N VAL B 156 6.43 -4.81 -0.90
CA VAL B 156 5.46 -3.74 -0.70
C VAL B 156 4.26 -3.88 -1.64
N SER B 157 4.45 -4.54 -2.80
CA SER B 157 3.33 -4.72 -3.73
C SER B 157 2.16 -5.45 -3.08
N GLN B 158 2.46 -6.36 -2.15
CA GLN B 158 1.40 -7.12 -1.52
C GLN B 158 0.62 -6.31 -0.49
N HIS B 159 1.10 -5.11 -0.13
CA HIS B 159 0.43 -4.28 0.87
C HIS B 159 -0.29 -3.10 0.23
N MET B 160 -0.35 -3.04 -1.09
CA MET B 160 -1.01 -1.93 -1.77
C MET B 160 -2.12 -2.49 -2.65
N ASP B 161 -3.18 -1.71 -2.76
CA ASP B 161 -4.30 -2.06 -3.61
C ASP B 161 -3.94 -1.88 -5.08
N PRO B 162 -3.92 -2.96 -5.87
CA PRO B 162 -3.54 -2.84 -7.30
C PRO B 162 -4.34 -1.83 -8.10
N ALA B 163 -5.61 -1.63 -7.75
CA ALA B 163 -6.48 -0.74 -8.51
C ALA B 163 -6.08 0.72 -8.40
N THR B 164 -5.36 1.12 -7.35
CA THR B 164 -5.00 2.52 -7.14
C THR B 164 -3.53 2.77 -6.84
N SER B 165 -2.73 1.73 -6.60
CA SER B 165 -1.34 1.90 -6.21
C SER B 165 -0.47 2.26 -7.41
N PRO B 166 0.67 2.89 -7.19
CA PRO B 166 1.57 3.19 -8.31
C PRO B 166 2.07 1.91 -8.97
N ASP B 167 2.43 2.03 -10.24
CA ASP B 167 3.12 0.91 -10.89
C ASP B 167 4.54 0.81 -10.36
N LEU B 168 4.98 -0.40 -10.05
CA LEU B 168 6.33 -0.64 -9.57
C LEU B 168 7.27 -1.16 -10.66
N MET B 169 6.73 -1.55 -11.82
CA MET B 169 7.57 -2.12 -12.87
C MET B 169 6.89 -1.99 -14.23
N ILE B 170 7.70 -1.73 -15.26
CA ILE B 170 7.31 -1.82 -16.65
C ILE B 170 8.30 -2.70 -17.38
N ASN B 171 7.82 -3.73 -18.06
CA ASN B 171 8.62 -4.64 -18.85
C ASN B 171 8.44 -4.32 -20.33
N ILE B 172 9.56 -4.12 -21.04
CA ILE B 172 9.56 -3.95 -22.48
C ILE B 172 10.38 -5.10 -23.08
N THR B 173 9.72 -6.04 -23.75
CA THR B 173 10.37 -7.20 -24.34
C THR B 173 10.49 -7.04 -25.85
N PHE B 174 11.72 -7.09 -26.35
CA PHE B 174 12.05 -7.05 -27.76
C PHE B 174 12.35 -8.46 -28.22
N PRO B 175 11.54 -9.07 -29.07
CA PRO B 175 11.93 -10.36 -29.65
C PRO B 175 13.23 -10.21 -30.40
N LEU B 176 14.14 -11.18 -30.20
CA LEU B 176 15.34 -11.28 -31.03
C LEU B 176 15.17 -12.26 -32.17
N ASN B 177 14.17 -13.13 -32.11
CA ASN B 177 13.63 -13.84 -33.25
C ASN B 177 12.12 -13.85 -33.11
N GLU B 178 11.42 -14.33 -34.14
CA GLU B 178 9.97 -14.26 -34.15
C GLU B 178 9.36 -14.94 -32.93
N PHE B 179 8.40 -14.28 -32.31
CA PHE B 179 7.58 -14.84 -31.24
C PHE B 179 6.27 -15.33 -31.83
N ARG B 180 5.85 -16.52 -31.42
CA ARG B 180 4.60 -17.11 -31.86
C ARG B 180 4.04 -17.93 -30.71
N HIS B 181 2.75 -18.25 -30.78
CA HIS B 181 2.19 -19.14 -29.76
C HIS B 181 3.01 -20.42 -29.62
N ASP B 182 3.25 -21.10 -30.75
CA ASP B 182 3.84 -22.44 -30.73
C ASP B 182 5.25 -22.47 -30.17
N ASN B 183 6.00 -21.37 -30.24
CA ASN B 183 7.37 -21.36 -29.77
C ASN B 183 7.52 -20.66 -28.41
N GLY B 184 6.42 -20.46 -27.69
CA GLY B 184 6.50 -19.95 -26.34
C GLY B 184 6.49 -18.44 -26.20
N GLY B 185 6.00 -17.71 -27.21
CA GLY B 185 5.81 -16.29 -27.04
C GLY B 185 4.99 -15.95 -25.82
N THR B 186 5.35 -14.85 -25.14
CA THR B 186 4.84 -14.51 -23.82
C THR B 186 3.31 -14.56 -23.75
N LEU B 187 2.80 -15.34 -22.80
CA LEU B 187 1.37 -15.41 -22.53
C LEU B 187 0.94 -14.27 -21.61
N LEU B 188 -0.20 -13.67 -21.93
CA LEU B 188 -0.71 -12.48 -21.25
C LEU B 188 -2.19 -12.68 -20.96
N LEU B 189 -2.65 -12.03 -19.89
CA LEU B 189 -4.08 -11.94 -19.57
C LEU B 189 -4.45 -10.47 -19.61
N PRO B 190 -4.91 -9.95 -20.76
CA PRO B 190 -5.21 -8.52 -20.84
C PRO B 190 -6.32 -8.12 -19.87
N LYS B 191 -6.19 -6.91 -19.34
CA LYS B 191 -7.14 -6.29 -18.40
C LYS B 191 -7.12 -6.93 -17.01
N SER B 192 -6.06 -7.66 -16.66
CA SER B 192 -5.91 -8.32 -15.37
C SER B 192 -5.13 -7.49 -14.35
N HIS B 193 -4.78 -6.25 -14.70
CA HIS B 193 -3.86 -5.42 -13.96
C HIS B 193 -4.54 -4.55 -12.90
N THR B 194 -5.84 -4.70 -12.66
CA THR B 194 -6.46 -3.95 -11.58
C THR B 194 -7.09 -4.82 -10.50
N GLY B 195 -7.19 -6.13 -10.70
CA GLY B 195 -7.76 -7.01 -9.70
C GLY B 195 -6.83 -7.25 -8.52
N PRO B 196 -7.38 -7.81 -7.45
CA PRO B 196 -6.59 -8.00 -6.23
C PRO B 196 -5.45 -8.98 -6.45
N ASN B 197 -4.38 -8.79 -5.68
CA ASN B 197 -3.32 -9.80 -5.66
C ASN B 197 -3.90 -11.14 -5.24
N ALA B 198 -3.42 -12.21 -5.87
CA ALA B 198 -4.01 -13.53 -5.66
C ALA B 198 -2.93 -14.58 -5.76
N ASP B 199 -3.22 -15.76 -5.22
CA ASP B 199 -2.27 -16.85 -5.28
C ASP B 199 -2.43 -17.67 -6.55
N PHE B 200 -3.55 -17.53 -7.26
CA PHE B 200 -3.79 -18.17 -8.54
C PHE B 200 -4.52 -17.16 -9.44
N TYR B 201 -4.00 -16.97 -10.65
CA TYR B 201 -4.64 -16.11 -11.65
C TYR B 201 -5.30 -16.90 -12.77
N ALA B 202 -4.55 -17.80 -13.40
CA ALA B 202 -5.07 -18.54 -14.54
C ALA B 202 -4.13 -19.70 -14.83
N ASN B 203 -4.61 -20.64 -15.64
CA ASN B 203 -3.74 -21.63 -16.24
C ASN B 203 -3.18 -21.08 -17.56
N ALA B 204 -1.90 -21.40 -17.82
CA ALA B 204 -1.25 -20.90 -19.02
C ALA B 204 -1.97 -21.35 -20.30
N GLU B 205 -2.52 -22.57 -20.28
CA GLU B 205 -3.20 -23.11 -21.46
C GLU B 205 -4.34 -22.22 -21.94
N ASP B 206 -4.89 -21.37 -21.07
CA ASP B 206 -6.02 -20.53 -21.43
C ASP B 206 -5.63 -19.10 -21.83
N LEU B 207 -4.35 -18.80 -21.96
CA LEU B 207 -4.05 -17.38 -22.23
C LEU B 207 -3.58 -17.18 -23.67
N PRO B 208 -3.86 -16.02 -24.25
CA PRO B 208 -3.30 -15.68 -25.56
C PRO B 208 -1.80 -15.41 -25.48
N ALA B 209 -1.13 -15.58 -26.62
CA ALA B 209 0.30 -15.36 -26.73
C ALA B 209 0.61 -14.07 -27.49
N ALA B 210 1.63 -13.35 -27.02
CA ALA B 210 2.15 -12.20 -27.77
C ALA B 210 2.91 -12.71 -28.99
N GLU B 211 2.38 -12.42 -30.18
CA GLU B 211 2.99 -12.85 -31.45
C GLU B 211 3.50 -11.61 -32.18
N MET B 212 4.79 -11.59 -32.51
CA MET B 212 5.37 -10.36 -33.05
C MET B 212 6.71 -10.66 -33.73
N GLN B 213 7.21 -9.64 -34.43
CA GLN B 213 8.40 -9.74 -35.27
C GLN B 213 9.55 -8.96 -34.66
N VAL B 214 10.78 -9.32 -35.07
CA VAL B 214 11.93 -8.49 -34.72
C VAL B 214 11.65 -7.06 -35.17
N GLY B 215 11.95 -6.10 -34.30
CA GLY B 215 11.54 -4.73 -34.49
C GLY B 215 10.28 -4.34 -33.75
N ASP B 216 9.51 -5.30 -33.26
CA ASP B 216 8.37 -5.00 -32.42
C ASP B 216 8.80 -5.03 -30.96
N ALA B 217 7.90 -4.61 -30.07
CA ALA B 217 8.12 -4.76 -28.64
C ALA B 217 6.78 -4.98 -27.93
N LEU B 218 6.82 -5.79 -26.88
CA LEU B 218 5.68 -5.99 -25.98
C LEU B 218 5.94 -5.19 -24.71
N ILE B 219 4.99 -4.36 -24.31
CA ILE B 219 5.07 -3.61 -23.05
C ILE B 219 3.98 -4.13 -22.12
N PHE B 220 4.35 -4.46 -20.87
CA PHE B 220 3.34 -4.78 -19.87
C PHE B 220 3.80 -4.36 -18.47
N THR B 221 2.82 -4.11 -17.61
CA THR B 221 3.08 -3.56 -16.29
C THR B 221 3.38 -4.68 -15.29
N GLY B 222 3.93 -4.28 -14.14
CA GLY B 222 4.20 -5.20 -13.05
C GLY B 222 2.96 -5.84 -12.45
N LYS B 223 1.77 -5.37 -12.84
CA LYS B 223 0.49 -5.91 -12.39
C LYS B 223 -0.20 -6.77 -13.46
N CYS B 224 0.37 -6.88 -14.66
CA CYS B 224 -0.26 -7.67 -15.71
C CYS B 224 0.05 -9.15 -15.52
N VAL B 225 -1.00 -9.98 -15.47
CA VAL B 225 -0.81 -11.43 -15.42
C VAL B 225 -0.18 -11.90 -16.73
N HIS B 226 0.87 -12.73 -16.63
CA HIS B 226 1.63 -13.16 -17.78
C HIS B 226 2.55 -14.31 -17.38
N GLY B 227 3.12 -14.97 -18.39
CA GLY B 227 4.20 -15.90 -18.12
C GLY B 227 4.85 -16.36 -19.40
N GLY B 228 6.04 -16.96 -19.27
CA GLY B 228 6.63 -17.63 -20.40
C GLY B 228 5.71 -18.72 -20.93
N GLY B 229 5.67 -18.87 -22.26
CA GLY B 229 4.87 -19.91 -22.86
C GLY B 229 5.69 -21.18 -23.10
N ALA B 230 5.01 -22.22 -23.59
CA ALA B 230 5.71 -23.47 -23.93
C ALA B 230 6.33 -23.39 -25.32
N ASN B 231 7.64 -23.64 -25.40
CA ASN B 231 8.33 -23.65 -26.69
C ASN B 231 8.18 -25.05 -27.27
N ARG B 232 7.22 -25.21 -28.15
CA ARG B 232 6.97 -26.50 -28.79
C ARG B 232 7.63 -26.61 -30.15
N SER B 233 8.52 -25.68 -30.51
CA SER B 233 9.20 -25.71 -31.79
C SER B 233 10.59 -26.34 -31.63
N ASP B 234 11.39 -26.27 -32.69
CA ASP B 234 12.71 -26.90 -32.73
C ASP B 234 13.84 -25.94 -32.46
N LYS B 235 13.56 -24.65 -32.32
CA LYS B 235 14.60 -23.66 -32.10
C LYS B 235 14.30 -22.85 -30.84
N PRO B 236 15.34 -22.30 -30.21
CA PRO B 236 15.10 -21.39 -29.08
C PRO B 236 14.33 -20.16 -29.52
N ARG B 237 13.50 -19.65 -28.61
CA ARG B 237 12.90 -18.34 -28.82
C ARG B 237 13.47 -17.40 -27.77
N ILE B 238 14.00 -16.27 -28.23
CA ILE B 238 14.87 -15.42 -27.45
C ILE B 238 14.32 -14.00 -27.49
N GLY B 239 14.05 -13.42 -26.31
CA GLY B 239 13.67 -12.03 -26.21
C GLY B 239 14.69 -11.31 -25.34
N LEU B 240 14.63 -9.99 -25.40
CA LEU B 240 15.41 -9.13 -24.52
C LEU B 240 14.42 -8.32 -23.71
N ALA B 241 14.42 -8.52 -22.39
CA ALA B 241 13.54 -7.79 -21.50
C ALA B 241 14.30 -6.60 -20.93
N LEU B 242 13.79 -5.41 -21.19
CA LEU B 242 14.27 -4.17 -20.60
C LEU B 242 13.26 -3.83 -19.50
N ALA B 243 13.62 -4.09 -18.23
CA ALA B 243 12.69 -3.90 -17.13
C ALA B 243 13.10 -2.68 -16.29
N ALA B 244 12.15 -1.74 -16.16
CA ALA B 244 12.33 -0.45 -15.50
C ALA B 244 11.40 -0.32 -14.30
N GLN B 245 11.76 0.58 -13.38
CA GLN B 245 11.06 0.71 -12.10
C GLN B 245 11.37 2.09 -11.51
N PRO B 246 10.62 2.52 -10.48
CA PRO B 246 10.97 3.75 -9.76
C PRO B 246 12.41 3.73 -9.24
N GLY B 247 13.03 4.91 -9.27
CA GLY B 247 14.38 5.05 -8.75
C GLY B 247 14.50 4.67 -7.28
N TYR B 248 13.40 4.77 -6.53
CA TYR B 248 13.46 4.43 -5.11
C TYR B 248 13.47 2.92 -4.85
N LEU B 249 13.36 2.08 -5.87
CA LEU B 249 13.49 0.64 -5.72
C LEU B 249 14.85 0.17 -6.19
N THR B 250 15.47 -0.72 -5.40
CA THR B 250 16.83 -1.20 -5.68
C THR B 250 16.86 -2.06 -6.93
N PRO B 251 17.70 -1.76 -7.90
CA PRO B 251 17.83 -2.64 -9.07
C PRO B 251 18.31 -4.03 -8.69
N ARG B 252 17.79 -5.01 -9.44
CA ARG B 252 18.27 -6.38 -9.28
C ARG B 252 19.72 -6.52 -9.69
N GLU B 253 20.15 -5.78 -10.72
CA GLU B 253 21.50 -5.86 -11.24
C GLU B 253 22.23 -4.55 -11.03
N SER B 254 23.38 -4.61 -10.40
CA SER B 254 24.23 -3.43 -10.24
C SER B 254 25.21 -3.36 -11.40
N ASN B 255 25.63 -2.15 -11.73
CA ASN B 255 26.62 -1.97 -12.78
C ASN B 255 27.88 -1.28 -12.27
N VAL B 256 28.22 -1.46 -10.99
CA VAL B 256 29.39 -0.77 -10.44
C VAL B 256 30.71 -1.31 -10.97
N ASN B 257 30.69 -2.44 -11.66
CA ASN B 257 31.89 -3.01 -12.26
C ASN B 257 32.14 -2.55 -13.70
N VAL B 258 31.32 -1.64 -14.23
CA VAL B 258 31.51 -1.15 -15.61
C VAL B 258 32.55 -0.03 -15.57
N PRO B 259 33.62 -0.13 -16.36
CA PRO B 259 34.70 0.86 -16.26
C PRO B 259 34.18 2.27 -16.54
N ARG B 260 34.63 3.23 -15.73
CA ARG B 260 34.12 4.59 -15.85
C ARG B 260 34.31 5.16 -17.26
N ASP B 261 35.39 4.77 -17.95
CA ASP B 261 35.58 5.31 -19.29
C ASP B 261 34.52 4.78 -20.27
N ILE B 262 34.01 3.56 -20.06
CA ILE B 262 32.90 3.11 -20.88
C ILE B 262 31.64 3.89 -20.54
N VAL B 263 31.41 4.12 -19.25
CA VAL B 263 30.22 4.85 -18.82
C VAL B 263 30.21 6.24 -19.40
N GLU B 264 31.37 6.88 -19.54
CA GLU B 264 31.38 8.26 -20.00
C GLU B 264 31.13 8.40 -21.50
N THR B 265 31.09 7.28 -22.25
CA THR B 265 30.63 7.29 -23.63
C THR B 265 29.11 7.20 -23.75
N MET B 266 28.40 7.00 -22.64
CA MET B 266 26.95 6.90 -22.67
C MET B 266 26.30 8.27 -22.48
N THR B 267 25.00 8.35 -22.77
CA THR B 267 24.24 9.58 -22.53
C THR B 267 23.88 9.70 -21.06
N PRO B 268 23.58 10.91 -20.56
CA PRO B 268 23.14 11.02 -19.16
C PRO B 268 21.93 10.16 -18.83
N LEU B 269 20.97 10.03 -19.76
CA LEU B 269 19.78 9.22 -19.49
C LEU B 269 20.15 7.75 -19.36
N ALA B 270 20.98 7.24 -20.27
CA ALA B 270 21.39 5.84 -20.21
C ALA B 270 22.25 5.58 -18.97
N GLN B 271 23.07 6.56 -18.59
CA GLN B 271 23.83 6.45 -17.36
C GLN B 271 22.90 6.29 -16.16
N ARG B 272 21.90 7.18 -16.05
CA ARG B 272 20.93 7.02 -14.97
C ARG B 272 20.24 5.66 -15.03
N MET B 273 19.92 5.18 -16.23
CA MET B 273 19.25 3.90 -16.38
C MET B 273 20.07 2.76 -15.79
N ILE B 274 21.40 2.82 -15.91
CA ILE B 274 22.19 1.70 -15.40
C ILE B 274 22.71 1.97 -13.99
N GLY B 275 22.18 3.01 -13.32
CA GLY B 275 22.54 3.25 -11.94
C GLY B 275 23.69 4.22 -11.71
N TRP B 276 24.28 4.75 -12.77
CA TRP B 276 25.31 5.78 -12.64
C TRP B 276 24.65 7.16 -12.70
N GLY B 277 23.84 7.44 -11.68
CA GLY B 277 23.18 8.72 -11.61
C GLY B 277 22.20 8.83 -10.45
N THR B 278 21.91 10.06 -10.05
CA THR B 278 20.96 10.32 -8.99
C THR B 278 19.54 10.21 -9.53
N VAL B 279 18.63 9.68 -8.73
CA VAL B 279 17.23 9.53 -9.10
C VAL B 279 16.39 10.26 -8.07
N ARG B 280 15.56 11.21 -8.53
CA ARG B 280 14.74 11.99 -7.62
C ARG B 280 13.32 11.44 -7.59
N THR B 281 12.73 11.42 -6.40
CA THR B 281 11.33 11.05 -6.26
C THR B 281 10.43 12.18 -6.80
N LYS B 282 9.13 11.87 -6.91
CA LYS B 282 8.18 12.91 -7.32
C LYS B 282 8.07 14.04 -6.30
N ASP B 283 8.62 13.87 -5.09
CA ASP B 283 8.63 14.89 -4.05
C ASP B 283 9.91 15.75 -4.06
N THR B 284 10.77 15.57 -5.06
CA THR B 284 12.05 16.27 -5.35
C THR B 284 13.25 15.71 -4.57
N TYR B 285 13.05 14.75 -3.67
CA TYR B 285 14.16 14.25 -2.86
C TYR B 285 15.06 13.33 -3.68
N GLY B 286 16.38 13.54 -3.56
CA GLY B 286 17.32 12.71 -4.30
C GLY B 286 17.65 11.40 -3.60
N LEU B 287 17.81 10.35 -4.40
CA LEU B 287 18.35 9.08 -3.94
C LEU B 287 19.54 8.73 -4.83
N ASN B 288 20.40 7.83 -4.37
CA ASN B 288 21.62 7.50 -5.11
C ASN B 288 22.48 8.76 -5.31
N MET B 289 22.55 9.59 -4.27
CA MET B 289 23.46 10.73 -4.22
C MET B 289 24.85 10.30 -3.78
N LEU B 290 25.83 11.17 -4.02
CA LEU B 290 27.22 10.96 -3.59
C LEU B 290 27.68 12.19 -2.82
N GLN B 291 28.12 11.98 -1.57
CA GLN B 291 28.72 13.04 -0.77
C GLN B 291 27.83 14.28 -0.75
N ASP B 292 26.54 14.04 -0.54
CA ASP B 292 25.51 15.05 -0.35
C ASP B 292 25.25 15.87 -1.61
N LYS B 293 25.69 15.37 -2.77
CA LYS B 293 25.52 16.03 -4.06
C LYS B 293 24.96 15.04 -5.07
N ASP B 294 24.52 15.60 -6.20
CA ASP B 294 24.21 14.82 -7.39
C ASP B 294 25.37 13.91 -7.76
N PHE B 295 25.04 12.68 -8.16
CA PHE B 295 26.03 11.66 -8.54
C PHE B 295 27.07 12.21 -9.52
N HIS B 296 26.58 12.77 -10.63
CA HIS B 296 27.46 13.31 -11.67
C HIS B 296 28.32 14.45 -11.13
N GLU B 297 27.71 15.40 -10.42
CA GLU B 297 28.48 16.53 -9.87
C GLU B 297 29.60 16.03 -8.96
N ALA B 298 29.31 15.04 -8.11
CA ALA B 298 30.33 14.58 -7.15
C ALA B 298 31.48 13.86 -7.85
N LEU B 299 31.21 13.14 -8.93
CA LEU B 299 32.31 12.46 -9.62
C LEU B 299 32.91 13.26 -10.77
N GLY B 300 32.27 14.34 -11.18
CA GLY B 300 32.62 14.92 -12.47
C GLY B 300 32.39 13.93 -13.58
N LEU B 301 31.32 13.15 -13.49
CA LEU B 301 31.07 12.12 -14.48
C LEU B 301 30.70 12.77 -15.81
N LYS B 302 31.46 12.44 -16.85
CA LYS B 302 31.23 12.96 -18.18
C LYS B 302 30.30 12.02 -18.95
N SER B 303 29.76 12.52 -20.07
CA SER B 303 28.85 11.72 -20.87
C SER B 303 28.81 12.26 -22.30
N LYS B 304 28.00 11.63 -23.13
CA LYS B 304 27.79 12.03 -24.51
C LYS B 304 26.42 12.70 -24.67
N MET C 21 9.10 -19.38 6.56
CA MET C 21 7.71 -19.83 6.71
C MET C 21 6.77 -19.46 5.54
N PRO C 22 6.23 -20.46 4.84
CA PRO C 22 5.38 -20.17 3.69
C PRO C 22 4.02 -19.68 4.15
N PRO C 23 3.36 -18.84 3.36
CA PRO C 23 2.02 -18.36 3.74
C PRO C 23 0.95 -19.40 3.44
N ILE C 24 -0.21 -19.19 4.07
CA ILE C 24 -1.40 -19.98 3.76
C ILE C 24 -2.03 -19.37 2.51
N ARG C 25 -2.05 -20.12 1.42
CA ARG C 25 -2.54 -19.58 0.15
C ARG C 25 -4.05 -19.73 0.05
N ARG C 26 -4.65 -18.88 -0.81
CA ARG C 26 -6.09 -18.70 -0.89
C ARG C 26 -6.53 -18.65 -2.35
N VAL C 27 -7.76 -19.12 -2.60
CA VAL C 27 -8.43 -18.96 -3.88
C VAL C 27 -9.89 -18.63 -3.62
N ASN C 28 -10.51 -17.97 -4.59
CA ASN C 28 -11.97 -17.86 -4.55
C ASN C 28 -12.56 -19.12 -5.16
N ALA C 29 -13.68 -19.58 -4.60
CA ALA C 29 -14.35 -20.73 -5.17
C ALA C 29 -14.73 -20.50 -6.64
N SER C 30 -14.92 -19.23 -7.03
CA SER C 30 -15.21 -18.94 -8.42
C SER C 30 -14.09 -19.38 -9.35
N GLN C 31 -12.87 -19.59 -8.82
CA GLN C 31 -11.75 -20.05 -9.64
C GLN C 31 -11.78 -21.56 -9.86
N GLY C 32 -12.73 -22.28 -9.30
CA GLY C 32 -12.90 -23.69 -9.59
C GLY C 32 -12.13 -24.57 -8.62
N SER C 33 -12.57 -25.83 -8.54
CA SER C 33 -11.99 -26.74 -7.55
C SER C 33 -10.62 -27.29 -7.97
N ASP C 34 -10.32 -27.33 -9.28
CA ASP C 34 -8.98 -27.73 -9.72
C ASP C 34 -7.89 -26.86 -9.08
N ALA C 35 -8.12 -25.55 -9.04
CA ALA C 35 -7.12 -24.62 -8.52
C ALA C 35 -6.92 -24.84 -7.03
N ALA C 36 -8.01 -24.95 -6.28
CA ALA C 36 -7.93 -25.24 -4.86
C ALA C 36 -7.23 -26.58 -4.60
N TYR C 37 -7.55 -27.60 -5.40
CA TYR C 37 -6.90 -28.89 -5.24
C TYR C 37 -5.41 -28.79 -5.50
N GLN C 38 -5.00 -28.01 -6.51
CA GLN C 38 -3.58 -27.91 -6.82
C GLN C 38 -2.82 -27.28 -5.64
N ILE C 39 -3.37 -26.23 -5.04
CA ILE C 39 -2.73 -25.68 -3.85
C ILE C 39 -2.71 -26.71 -2.74
N LEU C 40 -3.78 -27.50 -2.60
CA LEU C 40 -3.83 -28.53 -1.56
C LEU C 40 -2.71 -29.55 -1.73
N GLN C 41 -2.43 -29.95 -2.98
CA GLN C 41 -1.36 -30.91 -3.23
C GLN C 41 0.01 -30.31 -2.95
N GLU C 42 0.20 -29.03 -3.27
CA GLU C 42 1.51 -28.41 -3.08
C GLU C 42 1.79 -28.02 -1.62
N ASP C 43 0.77 -27.62 -0.86
CA ASP C 43 0.92 -27.04 0.47
C ASP C 43 0.32 -27.88 1.58
N GLY C 44 -0.63 -28.75 1.29
CA GLY C 44 -1.36 -29.45 2.32
C GLY C 44 -2.52 -28.70 2.90
N CYS C 45 -2.74 -27.45 2.48
CA CYS C 45 -3.82 -26.63 3.04
C CYS C 45 -4.12 -25.50 2.04
N VAL C 46 -5.38 -25.05 2.05
CA VAL C 46 -5.78 -23.92 1.20
C VAL C 46 -7.04 -23.31 1.81
N ILE C 47 -7.16 -22.00 1.70
CA ILE C 47 -8.40 -21.31 2.04
C ILE C 47 -9.19 -21.03 0.75
N VAL C 48 -10.45 -21.45 0.73
CA VAL C 48 -11.38 -21.22 -0.38
C VAL C 48 -12.38 -20.15 0.07
N GLU C 49 -12.31 -18.98 -0.57
CA GLU C 49 -13.17 -17.85 -0.22
C GLU C 49 -14.54 -17.95 -0.91
N GLN C 50 -15.59 -17.65 -0.16
CA GLN C 50 -16.95 -17.57 -0.69
C GLN C 50 -17.38 -18.87 -1.37
N VAL C 51 -17.12 -19.99 -0.69
CA VAL C 51 -17.48 -21.31 -1.20
C VAL C 51 -18.93 -21.67 -0.93
N ILE C 52 -19.63 -20.93 -0.06
CA ILE C 52 -20.98 -21.31 0.33
C ILE C 52 -21.73 -20.07 0.80
N CYS C 53 -23.03 -20.02 0.54
CA CYS C 53 -23.81 -18.83 0.87
C CYS C 53 -23.79 -18.61 2.38
N PRO C 54 -23.43 -17.41 2.85
CA PRO C 54 -23.37 -17.17 4.31
C PRO C 54 -24.68 -17.42 5.03
N ASN C 55 -25.82 -17.31 4.33
CA ASN C 55 -27.10 -17.57 4.96
C ASN C 55 -27.21 -19.02 5.42
N ILE C 56 -26.74 -19.96 4.59
CA ILE C 56 -26.77 -21.37 4.94
C ILE C 56 -26.02 -21.61 6.24
N ILE C 57 -24.78 -21.10 6.31
CA ILE C 57 -23.98 -21.20 7.51
C ILE C 57 -24.70 -20.58 8.69
N ALA C 58 -25.39 -19.47 8.47
CA ALA C 58 -26.09 -18.81 9.57
C ALA C 58 -27.19 -19.68 10.14
N LYS C 59 -27.95 -20.35 9.27
CA LYS C 59 -28.98 -21.27 9.76
C LYS C 59 -28.36 -22.40 10.58
N ILE C 60 -27.30 -23.03 10.04
CA ILE C 60 -26.65 -24.10 10.79
C ILE C 60 -26.19 -23.58 12.15
N SER C 61 -25.65 -22.36 12.18
CA SER C 61 -25.14 -21.80 13.42
C SER C 61 -26.27 -21.62 14.43
N ASP C 62 -27.46 -21.23 13.96
CA ASP C 62 -28.61 -21.15 14.85
C ASP C 62 -28.95 -22.53 15.42
N ASP C 63 -29.05 -23.53 14.54
CA ASP C 63 -29.32 -24.90 14.98
C ASP C 63 -28.35 -25.34 16.06
N VAL C 64 -27.06 -25.05 15.87
CA VAL C 64 -26.04 -25.53 16.79
C VAL C 64 -26.14 -24.79 18.11
N ASN C 65 -26.31 -23.46 18.05
CA ASN C 65 -26.42 -22.68 19.28
C ASN C 65 -27.61 -23.12 20.12
N ARG C 66 -28.71 -23.55 19.48
CA ARG C 66 -29.85 -24.02 20.25
C ARG C 66 -29.49 -25.16 21.20
N VAL C 67 -28.47 -25.97 20.87
CA VAL C 67 -28.25 -27.22 21.60
C VAL C 67 -26.81 -27.34 22.12
N MET C 68 -26.09 -26.23 22.17
CA MET C 68 -24.67 -26.30 22.54
C MET C 68 -24.49 -26.65 24.02
N ASP C 69 -25.44 -26.29 24.88
CA ASP C 69 -25.27 -26.49 26.32
C ASP C 69 -25.26 -27.97 26.72
N LYS C 70 -25.62 -28.87 25.82
CA LYS C 70 -25.60 -30.31 26.09
C LYS C 70 -24.33 -30.98 25.62
N ALA C 71 -23.36 -30.23 25.09
CA ALA C 71 -22.13 -30.84 24.62
C ALA C 71 -21.19 -31.11 25.80
N THR C 72 -20.27 -32.06 25.59
CA THR C 72 -19.26 -32.37 26.58
C THR C 72 -18.10 -31.38 26.49
N ILE C 73 -17.58 -30.97 27.64
CA ILE C 73 -16.44 -30.06 27.71
C ILE C 73 -15.16 -30.88 27.73
N GLY C 74 -14.19 -30.47 26.92
CA GLY C 74 -12.87 -31.11 26.99
C GLY C 74 -12.89 -32.54 26.52
N ALA C 75 -12.08 -33.39 27.15
CA ALA C 75 -11.87 -34.74 26.66
C ALA C 75 -13.11 -35.60 26.82
N LYS C 76 -13.34 -36.47 25.82
CA LYS C 76 -14.33 -37.52 25.96
C LYS C 76 -13.81 -38.59 26.91
N LYS C 77 -14.74 -39.31 27.54
CA LYS C 77 -14.41 -40.25 28.61
C LYS C 77 -13.32 -41.24 28.21
N GLY C 78 -12.19 -41.19 28.93
CA GLY C 78 -11.13 -42.17 28.77
C GLY C 78 -10.16 -41.92 27.65
N GLU C 79 -10.26 -40.80 26.93
CA GLU C 79 -9.40 -40.48 25.81
C GLU C 79 -8.24 -39.61 26.32
N GLN C 80 -7.01 -40.07 26.10
CA GLN C 80 -5.85 -39.29 26.47
C GLN C 80 -5.90 -37.92 25.77
N THR C 81 -5.23 -36.94 26.39
CA THR C 81 -5.34 -35.56 25.94
C THR C 81 -4.04 -34.95 25.43
N HIS C 82 -2.89 -35.60 25.62
CA HIS C 82 -1.62 -34.89 25.52
C HIS C 82 -1.09 -34.77 24.09
N ILE C 83 -1.67 -35.46 23.11
CA ILE C 83 -1.11 -35.38 21.77
C ILE C 83 -1.48 -34.06 21.09
N ILE C 84 -2.72 -33.58 21.29
CA ILE C 84 -3.17 -32.33 20.69
C ILE C 84 -3.42 -31.24 21.74
N ASN C 85 -3.25 -31.53 23.02
CA ASN C 85 -3.55 -30.62 24.12
C ASN C 85 -5.05 -30.33 24.18
N MET C 86 -5.87 -31.38 24.30
CA MET C 86 -7.29 -31.18 24.57
C MET C 86 -7.45 -30.66 26.00
N HIS C 87 -8.26 -29.62 26.17
CA HIS C 87 -8.37 -28.96 27.46
C HIS C 87 -9.78 -28.38 27.64
N ASN C 88 -10.09 -28.05 28.88
CA ASN C 88 -11.42 -27.65 29.29
C ASN C 88 -11.78 -26.21 28.93
N ARG C 89 -11.07 -25.57 28.00
CA ARG C 89 -11.54 -24.34 27.39
C ARG C 89 -12.03 -24.57 25.96
N THR C 90 -12.10 -25.83 25.52
CA THR C 90 -12.52 -26.19 24.17
C THR C 90 -13.75 -27.10 24.26
N ILE C 91 -14.73 -26.85 23.40
CA ILE C 91 -15.91 -27.69 23.29
C ILE C 91 -15.97 -28.25 21.87
N HIS C 92 -15.88 -29.58 21.74
CA HIS C 92 -16.16 -30.23 20.47
C HIS C 92 -17.54 -30.91 20.54
N MET C 93 -18.34 -30.77 19.49
CA MET C 93 -19.69 -31.35 19.52
C MET C 93 -20.07 -31.99 18.20
N GLY C 94 -20.44 -33.27 18.25
CA GLY C 94 -20.96 -33.99 17.09
C GLY C 94 -22.47 -34.00 17.03
N ASP C 95 -23.02 -35.09 16.52
CA ASP C 95 -24.47 -35.29 16.44
C ASP C 95 -25.14 -34.29 15.50
N LEU C 96 -24.45 -33.87 14.43
CA LEU C 96 -24.98 -32.79 13.61
C LEU C 96 -26.13 -33.22 12.69
N VAL C 97 -26.21 -34.49 12.30
CA VAL C 97 -27.32 -34.93 11.44
C VAL C 97 -28.66 -34.60 12.08
N LEU C 98 -28.83 -34.95 13.36
CA LEU C 98 -30.07 -34.69 14.07
C LEU C 98 -30.21 -33.24 14.52
N THR C 99 -29.11 -32.50 14.64
CA THR C 99 -29.16 -31.11 15.09
C THR C 99 -29.67 -30.16 14.01
N SER C 100 -29.28 -30.36 12.76
CA SER C 100 -29.51 -29.36 11.72
C SER C 100 -29.94 -30.01 10.43
N LYS C 101 -31.15 -29.69 9.97
CA LYS C 101 -31.61 -30.16 8.67
C LYS C 101 -30.83 -29.48 7.55
N THR C 102 -30.48 -28.21 7.73
CA THR C 102 -29.67 -27.51 6.74
C THR C 102 -28.31 -28.18 6.59
N TYR C 103 -27.72 -28.63 7.69
CA TYR C 103 -26.48 -29.40 7.59
C TYR C 103 -26.70 -30.66 6.77
N ARG C 104 -27.82 -31.35 7.01
CA ARG C 104 -28.14 -32.60 6.34
C ARG C 104 -28.33 -32.41 4.83
N ASP C 105 -28.99 -31.33 4.44
CA ASP C 105 -29.46 -31.14 3.07
C ASP C 105 -28.57 -30.24 2.23
N GLU C 106 -27.95 -29.22 2.81
CA GLU C 106 -27.10 -28.30 2.06
C GLU C 106 -25.61 -28.62 2.24
N LEU C 107 -25.14 -28.68 3.48
CA LEU C 107 -23.70 -28.76 3.71
C LEU C 107 -23.13 -30.09 3.25
N LEU C 108 -23.82 -31.20 3.53
CA LEU C 108 -23.30 -32.50 3.14
C LEU C 108 -23.36 -32.73 1.63
N ASN C 109 -24.04 -31.85 0.87
CA ASN C 109 -24.11 -31.97 -0.57
C ASN C 109 -23.34 -30.88 -1.32
N LEU C 110 -22.53 -30.08 -0.62
CA LEU C 110 -21.82 -28.98 -1.26
C LEU C 110 -20.95 -29.48 -2.43
N PRO C 111 -21.26 -29.07 -3.67
CA PRO C 111 -20.53 -29.68 -4.82
C PRO C 111 -19.05 -29.41 -4.82
N PHE C 112 -18.61 -28.19 -4.50
CA PHE C 112 -17.19 -27.88 -4.51
C PHE C 112 -16.42 -28.86 -3.60
N ALA C 113 -16.96 -29.08 -2.40
CA ALA C 113 -16.33 -30.00 -1.44
C ALA C 113 -16.18 -31.40 -2.04
N HIS C 114 -17.24 -31.94 -2.63
CA HIS C 114 -17.14 -33.28 -3.18
C HIS C 114 -16.22 -33.35 -4.38
N GLU C 115 -16.13 -32.29 -5.17
CA GLU C 115 -15.11 -32.25 -6.22
C GLU C 115 -13.70 -32.41 -5.64
N VAL C 116 -13.41 -31.68 -4.56
CA VAL C 116 -12.09 -31.78 -3.94
C VAL C 116 -11.87 -33.18 -3.33
N LEU C 117 -12.87 -33.70 -2.60
CA LEU C 117 -12.74 -35.01 -1.97
C LEU C 117 -12.56 -36.13 -2.99
N GLU C 118 -13.31 -36.08 -4.10
CA GLU C 118 -13.11 -37.08 -5.15
C GLU C 118 -11.69 -37.02 -5.70
N LYS C 119 -11.18 -35.81 -5.94
CA LYS C 119 -9.79 -35.72 -6.41
C LYS C 119 -8.80 -36.31 -5.41
N VAL C 120 -9.03 -36.07 -4.11
CA VAL C 120 -8.11 -36.61 -3.09
C VAL C 120 -8.16 -38.14 -3.06
N PHE C 121 -9.36 -38.72 -3.06
CA PHE C 121 -9.53 -40.09 -2.57
C PHE C 121 -9.77 -41.14 -3.64
N LYS C 122 -10.35 -40.78 -4.79
CA LYS C 122 -10.92 -41.77 -5.71
C LYS C 122 -9.87 -42.77 -6.19
N LYS C 123 -8.69 -42.28 -6.60
CA LYS C 123 -7.69 -43.16 -7.23
C LYS C 123 -6.98 -44.06 -6.24
N ASP C 124 -6.51 -43.52 -5.11
CA ASP C 124 -5.69 -44.28 -4.16
C ASP C 124 -6.52 -45.09 -3.18
N SER C 125 -7.78 -44.75 -2.99
CA SER C 125 -8.56 -45.39 -1.93
C SER C 125 -9.94 -45.85 -2.38
N GLY C 126 -10.65 -45.06 -3.19
CA GLY C 126 -12.00 -45.40 -3.58
C GLY C 126 -13.02 -44.44 -2.98
N ASP C 127 -14.21 -44.95 -2.68
CA ASP C 127 -15.25 -44.14 -2.05
C ASP C 127 -14.78 -43.61 -0.69
N TYR C 128 -15.33 -42.45 -0.31
CA TYR C 128 -15.01 -41.78 0.93
C TYR C 128 -16.30 -41.51 1.70
N TRP C 129 -16.15 -41.24 3.01
CA TRP C 129 -17.29 -40.88 3.86
C TRP C 129 -16.76 -40.10 5.06
N LEU C 130 -17.67 -39.62 5.91
CA LEU C 130 -17.26 -38.77 7.02
C LEU C 130 -16.56 -39.57 8.10
N ASN C 131 -15.43 -39.04 8.59
CA ASN C 131 -14.98 -39.38 9.93
C ASN C 131 -16.00 -38.90 10.93
N MET C 132 -16.37 -37.62 10.81
CA MET C 132 -17.49 -37.03 11.55
C MET C 132 -17.60 -35.58 11.14
N GLY C 133 -18.72 -34.97 11.53
CA GLY C 133 -18.87 -33.53 11.52
C GLY C 133 -18.88 -33.04 12.95
N ASN C 134 -18.07 -32.01 13.20
CA ASN C 134 -17.71 -31.66 14.57
C ASN C 134 -17.66 -30.14 14.71
N ILE C 135 -18.48 -29.62 15.62
CA ILE C 135 -18.38 -28.22 16.00
C ILE C 135 -17.13 -28.00 16.85
N LEU C 136 -16.33 -27.01 16.47
CA LEU C 136 -15.07 -26.65 17.13
C LEU C 136 -15.28 -25.30 17.81
N ASN C 137 -15.57 -25.32 19.10
CA ASN C 137 -15.89 -24.11 19.86
C ASN C 137 -14.71 -23.80 20.77
N MET C 138 -14.04 -22.70 20.50
CA MET C 138 -12.87 -22.26 21.26
C MET C 138 -13.28 -21.07 22.11
N LEU C 139 -13.50 -21.31 23.39
CA LEU C 139 -13.95 -20.26 24.30
C LEU C 139 -12.83 -19.25 24.53
N PRO C 140 -13.17 -18.02 24.89
CA PRO C 140 -12.13 -17.03 25.21
C PRO C 140 -11.24 -17.57 26.32
N GLY C 141 -9.93 -17.30 26.19
CA GLY C 141 -8.94 -17.82 27.12
C GLY C 141 -8.35 -19.16 26.72
N ALA C 142 -8.87 -19.81 25.68
CA ALA C 142 -8.36 -21.11 25.27
C ALA C 142 -6.92 -21.02 24.78
N GLU C 143 -6.06 -21.90 25.29
CA GLU C 143 -4.67 -21.98 24.84
C GLU C 143 -4.58 -22.60 23.45
N ALA C 144 -3.47 -22.33 22.76
CA ALA C 144 -3.23 -22.98 21.48
C ALA C 144 -3.03 -24.47 21.68
N GLN C 145 -3.37 -25.22 20.63
CA GLN C 145 -3.08 -26.64 20.63
C GLN C 145 -1.61 -26.86 20.29
N ARG C 146 -1.14 -28.08 20.57
CA ARG C 146 0.15 -28.56 20.06
C ARG C 146 0.00 -28.90 18.57
N PRO C 147 0.77 -28.28 17.68
CA PRO C 147 0.68 -28.64 16.25
C PRO C 147 0.91 -30.13 15.99
N HIS C 148 0.12 -30.69 15.08
CA HIS C 148 0.01 -32.15 14.93
C HIS C 148 -0.54 -32.51 13.55
N ARG C 149 -0.54 -33.82 13.28
CA ARG C 149 -1.21 -34.39 12.12
C ARG C 149 -2.46 -35.14 12.59
N ASP C 150 -3.61 -34.85 11.98
CA ASP C 150 -4.85 -35.55 12.34
C ASP C 150 -4.76 -37.05 12.05
N ASP C 151 -4.00 -37.46 11.03
CA ASP C 151 -4.00 -38.87 10.66
C ASP C 151 -3.36 -39.76 11.73
N TYR C 152 -2.80 -39.18 12.80
CA TYR C 152 -2.38 -39.98 13.93
C TYR C 152 -3.55 -40.79 14.50
N LEU C 153 -4.80 -40.36 14.27
CA LEU C 153 -5.93 -41.12 14.78
C LEU C 153 -5.91 -42.57 14.28
N TYR C 154 -5.31 -42.82 13.12
CA TYR C 154 -5.28 -44.14 12.50
C TYR C 154 -3.87 -44.71 12.57
N PRO C 155 -3.64 -45.74 13.38
CA PRO C 155 -2.27 -46.25 13.60
C PRO C 155 -1.49 -46.61 12.34
N VAL C 156 -2.17 -47.05 11.28
CA VAL C 156 -1.51 -47.36 10.01
C VAL C 156 -0.73 -46.16 9.47
N SER C 157 -1.15 -44.95 9.82
CA SER C 157 -0.45 -43.75 9.33
C SER C 157 1.02 -43.75 9.73
N GLN C 158 1.36 -44.33 10.88
CA GLN C 158 2.74 -44.31 11.34
C GLN C 158 3.60 -45.36 10.65
N HIS C 159 3.00 -46.22 9.83
CA HIS C 159 3.72 -47.29 9.14
C HIS C 159 3.85 -47.02 7.65
N MET C 160 3.43 -45.84 7.20
CA MET C 160 3.47 -45.45 5.80
C MET C 160 4.27 -44.17 5.64
N ASP C 161 4.97 -44.06 4.53
CA ASP C 161 5.77 -42.91 4.19
C ASP C 161 4.87 -41.76 3.76
N PRO C 162 4.83 -40.67 4.53
CA PRO C 162 3.99 -39.52 4.18
C PRO C 162 4.19 -39.01 2.76
N ALA C 163 5.40 -39.14 2.23
CA ALA C 163 5.72 -38.60 0.92
C ALA C 163 5.00 -39.32 -0.21
N THR C 164 4.63 -40.59 -0.02
CA THR C 164 4.03 -41.40 -1.08
C THR C 164 2.73 -42.10 -0.67
N SER C 165 2.39 -42.12 0.61
CA SER C 165 1.23 -42.86 1.10
C SER C 165 -0.07 -42.14 0.72
N PRO C 166 -1.18 -42.86 0.68
CA PRO C 166 -2.46 -42.20 0.41
C PRO C 166 -2.87 -41.28 1.54
N ASP C 167 -3.67 -40.27 1.21
CA ASP C 167 -4.23 -39.44 2.25
C ASP C 167 -5.31 -40.22 3.00
N LEU C 168 -5.27 -40.14 4.33
CA LEU C 168 -6.28 -40.82 5.16
C LEU C 168 -7.39 -39.90 5.62
N MET C 169 -7.20 -38.58 5.53
CA MET C 169 -8.20 -37.65 6.03
C MET C 169 -8.10 -36.31 5.31
N ILE C 170 -9.26 -35.69 5.07
CA ILE C 170 -9.38 -34.31 4.62
C ILE C 170 -10.32 -33.59 5.59
N ASN C 171 -9.91 -32.43 6.06
CA ASN C 171 -10.69 -31.59 6.97
C ASN C 171 -11.13 -30.35 6.20
N ILE C 172 -12.44 -30.08 6.23
CA ILE C 172 -13.01 -28.85 5.68
C ILE C 172 -13.66 -28.09 6.83
N THR C 173 -13.11 -26.96 7.21
CA THR C 173 -13.61 -26.17 8.33
C THR C 173 -14.29 -24.92 7.79
N PHE C 174 -15.57 -24.76 8.10
CA PHE C 174 -16.38 -23.59 7.81
C PHE C 174 -16.44 -22.70 9.05
N PRO C 175 -15.85 -21.52 9.06
CA PRO C 175 -16.10 -20.59 10.17
C PRO C 175 -17.59 -20.32 10.32
N LEU C 176 -18.07 -20.36 11.56
CA LEU C 176 -19.42 -19.89 11.86
C LEU C 176 -19.43 -18.47 12.41
N ASN C 177 -18.26 -17.95 12.79
CA ASN C 177 -18.04 -16.53 12.94
C ASN C 177 -16.64 -16.25 12.43
N GLU C 178 -16.29 -14.97 12.30
CA GLU C 178 -15.03 -14.64 11.64
C GLU C 178 -13.86 -15.28 12.37
N PHE C 179 -12.92 -15.82 11.60
CA PHE C 179 -11.67 -16.37 12.11
C PHE C 179 -10.56 -15.34 11.93
N ARG C 180 -9.78 -15.12 12.99
CA ARG C 180 -8.65 -14.21 12.97
C ARG C 180 -7.54 -14.83 13.80
N HIS C 181 -6.31 -14.34 13.62
CA HIS C 181 -5.22 -14.81 14.47
C HIS C 181 -5.56 -14.64 15.96
N ASP C 182 -6.06 -13.46 16.33
CA ASP C 182 -6.23 -13.13 17.74
C ASP C 182 -7.35 -13.90 18.43
N ASN C 183 -8.32 -14.44 17.70
CA ASN C 183 -9.38 -15.20 18.34
C ASN C 183 -9.21 -16.71 18.16
N GLY C 184 -8.05 -17.15 17.71
CA GLY C 184 -7.72 -18.57 17.69
C GLY C 184 -7.98 -19.29 16.38
N GLY C 185 -8.11 -18.55 15.27
CA GLY C 185 -8.17 -19.15 13.95
C GLY C 185 -7.08 -20.19 13.75
N THR C 186 -7.43 -21.30 13.09
CA THR C 186 -6.56 -22.47 13.00
C THR C 186 -5.16 -22.11 12.52
N LEU C 187 -4.16 -22.57 13.28
CA LEU C 187 -2.76 -22.44 12.90
C LEU C 187 -2.38 -23.55 11.94
N LEU C 188 -1.61 -23.20 10.91
CA LEU C 188 -1.18 -24.13 9.88
C LEU C 188 0.30 -23.96 9.60
N LEU C 189 0.94 -25.06 9.21
CA LEU C 189 2.30 -25.01 8.69
C LEU C 189 2.26 -25.44 7.22
N PRO C 190 2.12 -24.51 6.27
CA PRO C 190 2.00 -24.92 4.87
C PRO C 190 3.27 -25.62 4.40
N LYS C 191 3.06 -26.63 3.54
CA LYS C 191 4.11 -27.44 2.93
C LYS C 191 4.73 -28.45 3.91
N SER C 192 4.06 -28.73 5.02
CA SER C 192 4.53 -29.65 6.04
C SER C 192 4.01 -31.07 5.83
N HIS C 193 3.30 -31.32 4.73
CA HIS C 193 2.52 -32.53 4.52
C HIS C 193 3.29 -33.67 3.84
N THR C 194 4.58 -33.49 3.53
CA THR C 194 5.34 -34.59 2.94
C THR C 194 6.49 -35.07 3.80
N GLY C 195 6.80 -34.40 4.91
CA GLY C 195 7.88 -34.80 5.76
C GLY C 195 7.55 -36.04 6.56
N PRO C 196 8.59 -36.68 7.10
CA PRO C 196 8.37 -37.88 7.91
C PRO C 196 7.54 -37.57 9.15
N ASN C 197 6.80 -38.58 9.61
CA ASN C 197 6.13 -38.46 10.89
C ASN C 197 7.14 -38.16 11.98
N ALA C 198 6.73 -37.36 12.96
CA ALA C 198 7.64 -36.94 14.01
C ALA C 198 6.87 -36.66 15.29
N ASP C 199 7.61 -36.63 16.39
CA ASP C 199 7.02 -36.35 17.70
C ASP C 199 6.94 -34.87 18.00
N PHE C 200 7.68 -34.04 17.28
CA PHE C 200 7.59 -32.59 17.40
C PHE C 200 7.64 -31.99 16.01
N TYR C 201 6.72 -31.06 15.73
CA TYR C 201 6.66 -30.38 14.45
C TYR C 201 7.03 -28.89 14.55
N ALA C 202 6.40 -28.16 15.46
CA ALA C 202 6.65 -26.73 15.56
C ALA C 202 6.03 -26.24 16.84
N ASN C 203 6.43 -25.03 17.27
CA ASN C 203 5.73 -24.31 18.31
C ASN C 203 4.58 -23.50 17.70
N ALA C 204 3.44 -23.47 18.38
CA ALA C 204 2.26 -22.77 17.86
C ALA C 204 2.57 -21.29 17.60
N GLU C 205 3.33 -20.64 18.48
CA GLU C 205 3.66 -19.22 18.35
C GLU C 205 4.33 -18.87 17.03
N ASP C 206 4.79 -19.87 16.26
CA ASP C 206 5.52 -19.65 15.02
C ASP C 206 4.68 -19.89 13.76
N LEU C 207 3.36 -20.32 13.91
CA LEU C 207 2.64 -20.63 12.68
C LEU C 207 1.68 -19.51 12.29
N PRO C 208 1.41 -19.34 11.00
CA PRO C 208 0.36 -18.42 10.59
C PRO C 208 -1.01 -18.97 10.92
N ALA C 209 -1.97 -18.06 11.04
CA ALA C 209 -3.36 -18.42 11.32
C ALA C 209 -4.21 -18.33 10.06
N ALA C 210 -5.20 -19.21 9.97
CA ALA C 210 -6.21 -19.12 8.92
C ALA C 210 -7.21 -18.03 9.26
N GLU C 211 -7.26 -16.97 8.45
CA GLU C 211 -8.15 -15.84 8.69
C GLU C 211 -9.20 -15.83 7.58
N MET C 212 -10.47 -15.84 7.97
CA MET C 212 -11.51 -15.99 6.94
C MET C 212 -12.86 -15.56 7.50
N GLN C 213 -13.81 -15.37 6.60
CA GLN C 213 -15.16 -14.92 6.91
C GLN C 213 -16.13 -16.08 6.78
N VAL C 214 -17.29 -15.95 7.44
CA VAL C 214 -18.39 -16.85 7.17
C VAL C 214 -18.66 -16.90 5.67
N GLY C 215 -18.82 -18.12 5.14
CA GLY C 215 -18.87 -18.35 3.72
C GLY C 215 -17.58 -18.86 3.12
N ASP C 216 -16.47 -18.70 3.83
CA ASP C 216 -15.21 -19.29 3.41
C ASP C 216 -15.07 -20.69 4.01
N ALA C 217 -14.01 -21.39 3.58
CA ALA C 217 -13.69 -22.69 4.14
C ALA C 217 -12.19 -22.91 4.08
N LEU C 218 -11.63 -23.55 5.12
CA LEU C 218 -10.25 -24.00 5.13
C LEU C 218 -10.23 -25.49 4.87
N ILE C 219 -9.43 -25.94 3.90
CA ILE C 219 -9.27 -27.35 3.61
C ILE C 219 -7.83 -27.75 3.91
N PHE C 220 -7.64 -28.82 4.69
CA PHE C 220 -6.28 -29.33 4.90
C PHE C 220 -6.29 -30.84 5.07
N THR C 221 -5.16 -31.45 4.75
CA THR C 221 -5.09 -32.90 4.73
C THR C 221 -4.72 -33.44 6.11
N GLY C 222 -4.84 -34.76 6.26
CA GLY C 222 -4.43 -35.46 7.46
C GLY C 222 -2.94 -35.43 7.75
N LYS C 223 -2.13 -34.98 6.79
CA LYS C 223 -0.68 -34.82 6.95
C LYS C 223 -0.24 -33.37 7.14
N CYS C 224 -1.15 -32.41 7.05
CA CYS C 224 -0.79 -31.01 7.23
C CYS C 224 -0.67 -30.71 8.72
N VAL C 225 0.49 -30.16 9.12
CA VAL C 225 0.69 -29.77 10.52
C VAL C 225 -0.18 -28.55 10.82
N HIS C 226 -0.89 -28.59 11.95
CA HIS C 226 -1.88 -27.58 12.29
C HIS C 226 -2.26 -27.73 13.77
N GLY C 227 -3.00 -26.74 14.25
CA GLY C 227 -3.75 -26.94 15.49
C GLY C 227 -4.58 -25.71 15.81
N GLY C 228 -5.50 -25.88 16.75
CA GLY C 228 -6.25 -24.73 17.24
C GLY C 228 -5.30 -23.68 17.79
N GLY C 229 -5.60 -22.40 17.51
CA GLY C 229 -4.82 -21.30 18.05
C GLY C 229 -5.39 -20.82 19.38
N ALA C 230 -4.77 -19.78 19.92
CA ALA C 230 -5.18 -19.19 21.18
C ALA C 230 -6.26 -18.13 20.98
N ASN C 231 -7.38 -18.26 21.69
CA ASN C 231 -8.46 -17.28 21.61
C ASN C 231 -8.19 -16.20 22.64
N ARG C 232 -7.52 -15.13 22.23
CA ARG C 232 -7.25 -13.99 23.10
C ARG C 232 -8.33 -12.93 23.05
N SER C 233 -9.44 -13.18 22.34
CA SER C 233 -10.54 -12.23 22.24
C SER C 233 -11.56 -12.51 23.35
N ASP C 234 -12.67 -11.77 23.33
CA ASP C 234 -13.68 -11.88 24.36
C ASP C 234 -14.91 -12.68 23.91
N LYS C 235 -14.87 -13.26 22.71
CA LYS C 235 -16.00 -14.05 22.24
C LYS C 235 -15.51 -15.43 21.83
N PRO C 236 -16.38 -16.43 21.88
CA PRO C 236 -16.02 -17.74 21.36
C PRO C 236 -15.79 -17.71 19.87
N ARG C 237 -14.86 -18.54 19.43
CA ARG C 237 -14.57 -18.70 18.00
C ARG C 237 -15.03 -20.10 17.62
N ILE C 238 -15.97 -20.17 16.68
CA ILE C 238 -16.70 -21.42 16.43
C ILE C 238 -16.56 -21.76 14.94
N GLY C 239 -16.04 -22.95 14.66
CA GLY C 239 -15.99 -23.40 13.29
C GLY C 239 -16.68 -24.75 13.19
N LEU C 240 -17.05 -25.19 11.99
CA LEU C 240 -17.63 -26.52 11.78
C LEU C 240 -16.67 -27.31 10.92
N ALA C 241 -16.22 -28.46 11.41
CA ALA C 241 -15.31 -29.32 10.67
C ALA C 241 -16.08 -30.48 10.06
N LEU C 242 -16.07 -30.57 8.74
CA LEU C 242 -16.55 -31.71 7.99
C LEU C 242 -15.31 -32.54 7.67
N ALA C 243 -15.16 -33.69 8.34
CA ALA C 243 -13.94 -34.49 8.20
C ALA C 243 -14.28 -35.80 7.51
N ALA C 244 -13.59 -36.04 6.38
CA ALA C 244 -13.82 -37.17 5.50
C ALA C 244 -12.58 -38.04 5.39
N GLN C 245 -12.80 -39.31 5.04
CA GLN C 245 -11.76 -40.32 5.02
C GLN C 245 -12.18 -41.44 4.07
N PRO C 246 -11.25 -42.29 3.67
CA PRO C 246 -11.63 -43.49 2.89
C PRO C 246 -12.71 -44.32 3.57
N GLY C 247 -13.63 -44.84 2.76
CA GLY C 247 -14.67 -45.72 3.28
C GLY C 247 -14.14 -46.91 4.06
N TYR C 248 -12.90 -47.32 3.79
CA TYR C 248 -12.38 -48.50 4.46
C TYR C 248 -11.88 -48.20 5.87
N LEU C 249 -11.95 -46.94 6.33
CA LEU C 249 -11.63 -46.58 7.71
C LEU C 249 -12.91 -46.32 8.51
N THR C 250 -12.96 -46.85 9.71
CA THR C 250 -14.17 -46.79 10.53
C THR C 250 -14.45 -45.35 10.95
N PRO C 251 -15.66 -44.82 10.75
CA PRO C 251 -15.95 -43.48 11.23
C PRO C 251 -15.91 -43.39 12.74
N ARG C 252 -15.45 -42.23 13.24
CA ARG C 252 -15.46 -41.98 14.67
C ARG C 252 -16.87 -41.87 15.21
N GLU C 253 -17.81 -41.36 14.42
CA GLU C 253 -19.20 -41.20 14.83
C GLU C 253 -20.08 -42.07 13.96
N SER C 254 -20.85 -42.96 14.59
CA SER C 254 -21.87 -43.72 13.91
C SER C 254 -23.16 -42.92 13.85
N ASN C 255 -23.99 -43.24 12.85
CA ASN C 255 -25.30 -42.62 12.76
C ASN C 255 -26.43 -43.64 12.75
N VAL C 256 -26.22 -44.79 13.40
CA VAL C 256 -27.23 -45.86 13.37
C VAL C 256 -28.50 -45.51 14.12
N ASN C 257 -28.49 -44.47 14.96
CA ASN C 257 -29.68 -44.06 15.69
C ASN C 257 -30.48 -42.96 15.00
N VAL C 258 -30.11 -42.56 13.78
CA VAL C 258 -30.91 -41.59 13.03
C VAL C 258 -32.13 -42.30 12.45
N PRO C 259 -33.35 -41.80 12.67
CA PRO C 259 -34.53 -42.52 12.18
C PRO C 259 -34.49 -42.69 10.67
N ARG C 260 -34.89 -43.87 10.21
CA ARG C 260 -34.85 -44.16 8.78
C ARG C 260 -35.70 -43.17 7.98
N ASP C 261 -36.79 -42.69 8.58
CA ASP C 261 -37.62 -41.68 7.91
C ASP C 261 -36.82 -40.42 7.59
N ILE C 262 -35.97 -39.99 8.52
CA ILE C 262 -35.13 -38.82 8.28
C ILE C 262 -34.07 -39.14 7.22
N VAL C 263 -33.43 -40.31 7.33
CA VAL C 263 -32.39 -40.67 6.36
C VAL C 263 -32.96 -40.66 4.94
N GLU C 264 -34.22 -41.07 4.79
CA GLU C 264 -34.77 -41.16 3.44
C GLU C 264 -35.13 -39.80 2.82
N THR C 265 -35.07 -38.72 3.59
CA THR C 265 -35.16 -37.38 3.01
C THR C 265 -33.82 -36.87 2.49
N MET C 266 -32.76 -37.65 2.64
CA MET C 266 -31.43 -37.22 2.22
C MET C 266 -31.12 -37.78 0.82
N THR C 267 -30.09 -37.21 0.19
CA THR C 267 -29.63 -37.69 -1.10
C THR C 267 -28.79 -38.95 -0.91
N PRO C 268 -28.61 -39.77 -1.95
CA PRO C 268 -27.77 -40.95 -1.80
C PRO C 268 -26.34 -40.63 -1.38
N LEU C 269 -25.79 -39.52 -1.89
CA LEU C 269 -24.42 -39.16 -1.54
C LEU C 269 -24.32 -38.79 -0.05
N ALA C 270 -25.26 -37.99 0.43
CA ALA C 270 -25.27 -37.63 1.85
C ALA C 270 -25.56 -38.85 2.74
N GLN C 271 -26.41 -39.77 2.27
CA GLN C 271 -26.62 -41.02 2.98
C GLN C 271 -25.30 -41.77 3.14
N ARG C 272 -24.55 -41.91 2.04
CA ARG C 272 -23.24 -42.56 2.13
C ARG C 272 -22.32 -41.83 3.09
N MET C 273 -22.28 -40.49 3.03
CA MET C 273 -21.42 -39.71 3.92
C MET C 273 -21.70 -40.04 5.39
N ILE C 274 -22.96 -40.29 5.74
CA ILE C 274 -23.20 -40.53 7.16
C ILE C 274 -23.17 -42.01 7.51
N GLY C 275 -22.70 -42.85 6.58
CA GLY C 275 -22.58 -44.27 6.82
C GLY C 275 -23.79 -45.13 6.45
N TRP C 276 -24.86 -44.52 5.94
CA TRP C 276 -26.00 -45.28 5.42
C TRP C 276 -25.80 -45.55 3.94
N GLY C 277 -24.77 -46.35 3.64
CA GLY C 277 -24.52 -46.79 2.28
C GLY C 277 -23.28 -47.66 2.22
N THR C 278 -23.14 -48.36 1.10
CA THR C 278 -21.95 -49.17 0.86
C THR C 278 -20.84 -48.27 0.31
N VAL C 279 -19.59 -48.59 0.67
CA VAL C 279 -18.42 -47.84 0.22
C VAL C 279 -17.46 -48.81 -0.47
N ARG C 280 -17.15 -48.54 -1.74
CA ARG C 280 -16.33 -49.44 -2.52
C ARG C 280 -14.89 -48.95 -2.52
N THR C 281 -13.95 -49.88 -2.43
CA THR C 281 -12.56 -49.50 -2.54
C THR C 281 -12.21 -49.26 -4.00
N LYS C 282 -11.01 -48.71 -4.23
CA LYS C 282 -10.55 -48.51 -5.60
C LYS C 282 -10.33 -49.82 -6.34
N ASP C 283 -10.30 -50.97 -5.65
CA ASP C 283 -10.19 -52.29 -6.28
C ASP C 283 -11.55 -52.95 -6.56
N THR C 284 -12.65 -52.24 -6.33
CA THR C 284 -14.07 -52.54 -6.60
C THR C 284 -14.77 -53.31 -5.47
N TYR C 285 -14.06 -53.71 -4.42
CA TYR C 285 -14.68 -54.50 -3.38
C TYR C 285 -15.55 -53.62 -2.48
N GLY C 286 -16.72 -54.12 -2.12
CA GLY C 286 -17.63 -53.37 -1.26
C GLY C 286 -17.34 -53.60 0.21
N LEU C 287 -17.47 -52.54 1.00
CA LEU C 287 -17.48 -52.62 2.46
C LEU C 287 -18.78 -51.99 2.95
N ASN C 288 -19.17 -52.26 4.20
CA ASN C 288 -20.47 -51.81 4.71
C ASN C 288 -21.62 -52.32 3.81
N MET C 289 -21.56 -53.60 3.45
CA MET C 289 -22.62 -54.29 2.74
C MET C 289 -23.63 -54.86 3.74
N LEU C 290 -24.78 -55.26 3.22
CA LEU C 290 -25.83 -55.89 4.03
C LEU C 290 -26.30 -57.15 3.33
N GLN C 291 -26.18 -58.29 4.00
CA GLN C 291 -26.65 -59.58 3.50
C GLN C 291 -26.16 -59.84 2.08
N ASP C 292 -24.86 -59.57 1.88
CA ASP C 292 -24.13 -59.89 0.65
C ASP C 292 -24.54 -59.02 -0.53
N LYS C 293 -25.09 -57.83 -0.28
CA LYS C 293 -25.41 -56.93 -1.38
C LYS C 293 -25.26 -55.49 -0.91
N ASP C 294 -25.54 -54.58 -1.84
CA ASP C 294 -25.46 -53.15 -1.58
C ASP C 294 -26.40 -52.76 -0.44
N PHE C 295 -25.91 -51.89 0.45
CA PHE C 295 -26.66 -51.41 1.62
C PHE C 295 -28.08 -50.98 1.24
N HIS C 296 -28.19 -50.04 0.28
CA HIS C 296 -29.49 -49.54 -0.15
C HIS C 296 -30.35 -50.67 -0.71
N GLU C 297 -29.75 -51.50 -1.56
CA GLU C 297 -30.44 -52.65 -2.15
C GLU C 297 -31.07 -53.54 -1.09
N ALA C 298 -30.30 -53.88 -0.06
CA ALA C 298 -30.78 -54.82 0.95
C ALA C 298 -31.88 -54.20 1.81
N LEU C 299 -31.82 -52.90 2.09
CA LEU C 299 -32.87 -52.29 2.89
C LEU C 299 -34.02 -51.72 2.07
N GLY C 300 -33.87 -51.59 0.75
CA GLY C 300 -34.82 -50.79 0.00
C GLY C 300 -34.80 -49.35 0.48
N LEU C 301 -33.62 -48.85 0.83
CA LEU C 301 -33.53 -47.50 1.38
C LEU C 301 -33.84 -46.48 0.29
N LYS C 302 -34.80 -45.60 0.56
CA LYS C 302 -35.17 -44.51 -0.33
C LYS C 302 -34.31 -43.28 -0.06
N SER C 303 -34.39 -42.32 -0.98
CA SER C 303 -33.61 -41.09 -0.87
C SER C 303 -34.24 -40.01 -1.72
N LYS C 304 -33.67 -38.82 -1.65
CA LYS C 304 -34.10 -37.66 -2.43
C LYS C 304 -33.20 -37.46 -3.63
N THR C 305 -33.79 -37.12 -4.77
CA THR C 305 -33.03 -36.74 -5.97
C THR C 305 -32.81 -35.22 -6.04
N HIS D 20 7.17 19.33 -10.85
CA HIS D 20 6.47 18.85 -9.65
C HIS D 20 5.25 19.71 -9.29
N MET D 21 4.08 19.07 -9.29
CA MET D 21 2.83 19.70 -8.93
C MET D 21 2.49 19.37 -7.48
N PRO D 22 2.48 20.33 -6.55
CA PRO D 22 2.25 19.99 -5.15
C PRO D 22 0.88 19.37 -4.97
N PRO D 23 0.73 18.45 -4.03
CA PRO D 23 -0.58 17.85 -3.79
C PRO D 23 -1.44 18.77 -2.93
N ILE D 24 -2.74 18.48 -2.93
CA ILE D 24 -3.68 19.20 -2.09
C ILE D 24 -3.67 18.56 -0.71
N ARG D 25 -3.33 19.34 0.30
CA ARG D 25 -3.14 18.81 1.64
C ARG D 25 -4.46 18.87 2.43
N ARG D 26 -4.56 17.98 3.43
CA ARG D 26 -5.81 17.69 4.11
C ARG D 26 -5.59 17.65 5.60
N VAL D 27 -6.59 18.07 6.37
CA VAL D 27 -6.63 17.89 7.81
C VAL D 27 -8.02 17.42 8.19
N ASN D 28 -8.12 16.78 9.35
CA ASN D 28 -9.44 16.55 9.92
C ASN D 28 -9.79 17.75 10.79
N ALA D 29 -11.06 18.15 10.76
CA ALA D 29 -11.47 19.24 11.64
C ALA D 29 -11.14 18.96 13.11
N SER D 30 -11.00 17.69 13.50
CA SER D 30 -10.67 17.39 14.89
C SER D 30 -9.31 17.95 15.28
N GLN D 31 -8.45 18.21 14.30
CA GLN D 31 -7.12 18.77 14.56
C GLN D 31 -7.16 20.27 14.80
N GLY D 32 -8.28 20.93 14.57
CA GLY D 32 -8.41 22.32 14.97
C GLY D 32 -8.22 23.28 13.80
N SER D 33 -8.76 24.50 13.98
CA SER D 33 -8.71 25.48 12.91
C SER D 33 -7.31 26.07 12.73
N ASP D 34 -6.49 26.07 13.79
CA ASP D 34 -5.10 26.51 13.67
C ASP D 34 -4.36 25.75 12.57
N ALA D 35 -4.48 24.42 12.57
CA ALA D 35 -3.74 23.59 11.62
C ALA D 35 -4.22 23.82 10.19
N ALA D 36 -5.54 23.83 9.99
CA ALA D 36 -6.08 24.13 8.67
C ALA D 36 -5.62 25.51 8.20
N TYR D 37 -5.61 26.50 9.09
CA TYR D 37 -5.17 27.84 8.70
C TYR D 37 -3.70 27.84 8.30
N GLN D 38 -2.87 27.06 9.00
CA GLN D 38 -1.46 27.03 8.63
C GLN D 38 -1.29 26.50 7.21
N ILE D 39 -1.98 25.40 6.87
CA ILE D 39 -1.88 24.88 5.51
C ILE D 39 -2.47 25.87 4.50
N LEU D 40 -3.54 26.58 4.88
CA LEU D 40 -4.08 27.61 3.99
C LEU D 40 -3.05 28.71 3.73
N GLN D 41 -2.32 29.12 4.77
CA GLN D 41 -1.31 30.16 4.62
C GLN D 41 -0.19 29.71 3.71
N GLU D 42 0.23 28.44 3.83
CA GLU D 42 1.39 27.97 3.06
C GLU D 42 1.02 27.57 1.62
N ASP D 43 -0.22 27.13 1.38
CA ASP D 43 -0.62 26.56 0.11
C ASP D 43 -1.71 27.32 -0.62
N GLY D 44 -2.46 28.20 0.05
CA GLY D 44 -3.61 28.82 -0.58
C GLY D 44 -4.87 27.99 -0.57
N CYS D 45 -4.82 26.71 -0.18
CA CYS D 45 -5.96 25.81 -0.20
C CYS D 45 -5.72 24.66 0.78
N VAL D 46 -6.81 24.18 1.40
CA VAL D 46 -6.75 23.03 2.31
C VAL D 46 -8.12 22.35 2.33
N ILE D 47 -8.12 21.02 2.39
CA ILE D 47 -9.35 20.24 2.54
C ILE D 47 -9.50 19.82 4.01
N VAL D 48 -10.65 20.15 4.60
CA VAL D 48 -10.95 19.85 6.00
C VAL D 48 -11.98 18.72 6.03
N GLU D 49 -11.57 17.55 6.54
CA GLU D 49 -12.44 16.39 6.58
C GLU D 49 -13.36 16.43 7.80
N GLN D 50 -14.62 16.03 7.61
CA GLN D 50 -15.58 15.87 8.70
C GLN D 50 -15.74 17.17 9.53
N VAL D 51 -15.90 18.29 8.82
CA VAL D 51 -16.10 19.57 9.48
C VAL D 51 -17.54 19.77 9.93
N ILE D 52 -18.50 19.05 9.33
CA ILE D 52 -19.91 19.27 9.62
C ILE D 52 -20.66 17.95 9.50
N CYS D 53 -21.72 17.80 10.29
CA CYS D 53 -22.53 16.59 10.25
C CYS D 53 -23.11 16.37 8.86
N PRO D 54 -22.94 15.18 8.26
CA PRO D 54 -23.41 14.98 6.88
C PRO D 54 -24.91 15.13 6.72
N ASN D 55 -25.69 14.87 7.78
CA ASN D 55 -27.15 15.00 7.64
C ASN D 55 -27.56 16.47 7.46
N ILE D 56 -26.81 17.41 8.03
CA ILE D 56 -27.11 18.83 7.80
C ILE D 56 -26.93 19.18 6.33
N ILE D 57 -25.81 18.72 5.75
CA ILE D 57 -25.56 18.95 4.34
C ILE D 57 -26.64 18.30 3.50
N ALA D 58 -27.03 17.08 3.85
CA ALA D 58 -28.05 16.37 3.07
C ALA D 58 -29.37 17.11 3.08
N LYS D 59 -29.73 17.70 4.23
CA LYS D 59 -30.95 18.50 4.30
C LYS D 59 -30.85 19.70 3.37
N ILE D 60 -29.76 20.46 3.47
CA ILE D 60 -29.56 21.59 2.56
C ILE D 60 -29.62 21.13 1.11
N SER D 61 -28.99 20.00 0.81
CA SER D 61 -29.02 19.45 -0.52
C SER D 61 -30.45 19.19 -0.98
N ASP D 62 -31.30 18.67 -0.10
CA ASP D 62 -32.70 18.44 -0.45
C ASP D 62 -33.41 19.77 -0.78
N ASP D 63 -33.27 20.77 0.10
CA ASP D 63 -33.87 22.08 -0.16
C ASP D 63 -33.46 22.63 -1.52
N VAL D 64 -32.17 22.51 -1.86
CA VAL D 64 -31.67 23.03 -3.13
C VAL D 64 -32.23 22.23 -4.31
N ASN D 65 -32.25 20.90 -4.21
CA ASN D 65 -32.83 20.06 -5.26
C ASN D 65 -34.29 20.42 -5.51
N ARG D 66 -35.02 20.83 -4.47
CA ARG D 66 -36.43 21.16 -4.65
C ARG D 66 -36.64 22.35 -5.59
N VAL D 67 -35.68 23.27 -5.67
CA VAL D 67 -35.89 24.49 -6.44
C VAL D 67 -34.93 24.60 -7.63
N MET D 68 -34.19 23.52 -7.93
CA MET D 68 -33.18 23.58 -8.99
C MET D 68 -33.79 23.96 -10.33
N ASP D 69 -35.06 23.62 -10.57
CA ASP D 69 -35.76 23.99 -11.79
C ASP D 69 -35.88 25.50 -11.99
N LYS D 70 -35.59 26.30 -10.97
CA LYS D 70 -35.72 27.74 -11.07
C LYS D 70 -34.41 28.44 -11.45
N ALA D 71 -33.28 27.76 -11.30
CA ALA D 71 -31.99 28.41 -11.45
C ALA D 71 -31.73 28.81 -12.90
N THR D 72 -30.80 29.76 -13.06
CA THR D 72 -30.31 30.16 -14.37
C THR D 72 -29.21 29.23 -14.82
N ILE D 73 -29.27 28.80 -16.08
CA ILE D 73 -28.24 27.96 -16.67
C ILE D 73 -27.19 28.86 -17.33
N GLY D 74 -25.92 28.58 -17.06
CA GLY D 74 -24.86 29.32 -17.71
C GLY D 74 -24.81 30.78 -17.27
N ALA D 75 -24.53 31.65 -18.23
CA ALA D 75 -24.23 33.05 -17.93
C ALA D 75 -25.43 33.77 -17.36
N LYS D 76 -25.18 34.65 -16.40
CA LYS D 76 -26.18 35.63 -15.97
C LYS D 76 -26.24 36.76 -16.99
N LYS D 77 -27.37 37.45 -17.04
CA LYS D 77 -27.63 38.49 -18.03
C LYS D 77 -26.49 39.50 -18.12
N GLY D 78 -25.83 39.56 -19.28
CA GLY D 78 -24.83 40.58 -19.55
C GLY D 78 -23.40 40.24 -19.14
N GLU D 79 -23.17 39.14 -18.42
CA GLU D 79 -21.84 38.84 -17.90
C GLU D 79 -21.02 38.07 -18.94
N GLN D 80 -19.84 38.60 -19.29
CA GLN D 80 -18.92 37.90 -20.17
C GLN D 80 -18.49 36.57 -19.54
N THR D 81 -18.23 35.56 -20.40
CA THR D 81 -18.02 34.19 -19.94
C THR D 81 -16.57 33.69 -20.05
N HIS D 82 -15.69 34.41 -20.76
CA HIS D 82 -14.42 33.80 -21.19
C HIS D 82 -13.34 33.74 -20.11
N ILE D 83 -13.47 34.50 -19.01
CA ILE D 83 -12.41 34.50 -18.02
C ILE D 83 -12.34 33.17 -17.28
N ILE D 84 -13.50 32.60 -16.92
CA ILE D 84 -13.55 31.33 -16.21
C ILE D 84 -14.13 30.20 -17.05
N ASN D 85 -14.53 30.47 -18.30
CA ASN D 85 -15.23 29.50 -19.17
C ASN D 85 -16.58 29.11 -18.58
N MET D 86 -17.40 30.12 -18.29
CA MET D 86 -18.80 29.88 -17.92
C MET D 86 -19.56 29.35 -19.14
N HIS D 87 -20.29 28.24 -18.98
CA HIS D 87 -20.95 27.57 -20.10
C HIS D 87 -22.26 26.94 -19.64
N ASN D 88 -23.04 26.44 -20.61
CA ASN D 88 -24.42 26.06 -20.36
C ASN D 88 -24.58 24.63 -19.85
N ARG D 89 -23.49 23.94 -19.49
CA ARG D 89 -23.57 22.75 -18.66
C ARG D 89 -23.21 23.03 -17.21
N THR D 90 -23.13 24.32 -16.83
CA THR D 90 -22.93 24.80 -15.46
C THR D 90 -24.19 25.49 -14.96
N ILE D 91 -24.61 25.19 -13.74
CA ILE D 91 -25.72 25.90 -13.09
C ILE D 91 -25.21 26.45 -11.77
N HIS D 92 -25.17 27.78 -11.65
CA HIS D 92 -24.89 28.46 -10.40
C HIS D 92 -26.21 29.03 -9.87
N MET D 93 -26.44 28.89 -8.56
CA MET D 93 -27.71 29.37 -8.02
C MET D 93 -27.49 30.05 -6.67
N GLY D 94 -27.99 31.26 -6.54
CA GLY D 94 -27.97 31.98 -5.26
C GLY D 94 -29.29 31.85 -4.53
N ASP D 95 -29.63 32.89 -3.77
CA ASP D 95 -30.92 32.95 -3.07
C ASP D 95 -31.03 31.85 -2.01
N LEU D 96 -29.91 31.50 -1.38
CA LEU D 96 -29.91 30.37 -0.44
C LEU D 96 -30.59 30.72 0.88
N VAL D 97 -30.59 32.01 1.27
CA VAL D 97 -31.19 32.38 2.55
C VAL D 97 -32.67 32.01 2.59
N LEU D 98 -33.40 32.31 1.50
CA LEU D 98 -34.82 31.97 1.42
C LEU D 98 -35.04 30.49 1.08
N THR D 99 -34.06 29.88 0.41
CA THR D 99 -34.22 28.50 -0.05
C THR D 99 -34.10 27.50 1.10
N SER D 100 -33.30 27.77 2.13
CA SER D 100 -32.97 26.74 3.12
C SER D 100 -32.83 27.32 4.52
N LYS D 101 -33.75 26.95 5.40
CA LYS D 101 -33.63 27.37 6.79
C LYS D 101 -32.40 26.75 7.45
N THR D 102 -32.08 25.49 7.11
CA THR D 102 -30.89 24.86 7.66
C THR D 102 -29.63 25.59 7.24
N TYR D 103 -29.61 26.17 6.04
CA TYR D 103 -28.50 27.03 5.64
C TYR D 103 -28.40 28.27 6.53
N ARG D 104 -29.53 28.94 6.79
CA ARG D 104 -29.51 30.16 7.60
C ARG D 104 -29.07 29.89 9.02
N ASP D 105 -29.52 28.79 9.59
CA ASP D 105 -29.32 28.53 11.01
C ASP D 105 -28.05 27.73 11.28
N GLU D 106 -27.77 26.70 10.48
CA GLU D 106 -26.62 25.86 10.77
C GLU D 106 -25.36 26.32 10.04
N LEU D 107 -25.42 26.42 8.71
CA LEU D 107 -24.17 26.60 7.94
C LEU D 107 -23.57 27.98 8.18
N LEU D 108 -24.40 29.03 8.18
CA LEU D 108 -23.88 30.38 8.35
C LEU D 108 -23.27 30.59 9.73
N ASN D 109 -23.57 29.72 10.69
CA ASN D 109 -23.03 29.83 12.05
C ASN D 109 -21.95 28.80 12.36
N LEU D 110 -21.43 28.08 11.36
CA LEU D 110 -20.47 27.01 11.63
C LEU D 110 -19.22 27.57 12.28
N PRO D 111 -18.89 27.19 13.52
CA PRO D 111 -17.78 27.87 14.23
C PRO D 111 -16.41 27.67 13.59
N PHE D 112 -16.12 26.48 13.04
CA PHE D 112 -14.83 26.26 12.42
C PHE D 112 -14.58 27.26 11.30
N ALA D 113 -15.57 27.41 10.40
CA ALA D 113 -15.47 28.36 9.31
C ALA D 113 -15.17 29.76 9.84
N HIS D 114 -15.89 30.20 10.86
CA HIS D 114 -15.67 31.54 11.41
C HIS D 114 -14.30 31.69 12.06
N GLU D 115 -13.78 30.65 12.71
CA GLU D 115 -12.42 30.75 13.26
C GLU D 115 -11.41 30.99 12.16
N VAL D 116 -11.57 30.28 11.04
CA VAL D 116 -10.67 30.49 9.90
C VAL D 116 -10.84 31.89 9.32
N LEU D 117 -12.09 32.31 9.11
CA LEU D 117 -12.33 33.60 8.47
C LEU D 117 -11.80 34.76 9.33
N GLU D 118 -11.94 34.65 10.66
CA GLU D 118 -11.40 35.68 11.53
C GLU D 118 -9.87 35.72 11.44
N LYS D 119 -9.23 34.55 11.42
CA LYS D 119 -7.77 34.54 11.24
C LYS D 119 -7.37 35.19 9.91
N VAL D 120 -8.13 34.93 8.84
CA VAL D 120 -7.80 35.51 7.55
C VAL D 120 -7.96 37.04 7.57
N PHE D 121 -9.10 37.54 8.08
CA PHE D 121 -9.51 38.89 7.74
C PHE D 121 -9.29 39.96 8.83
N LYS D 122 -9.30 39.60 10.12
CA LYS D 122 -9.53 40.62 11.15
C LYS D 122 -8.41 41.67 11.18
N LYS D 123 -7.16 41.25 11.05
CA LYS D 123 -6.04 42.17 11.21
C LYS D 123 -5.86 43.08 10.01
N ASP D 124 -5.82 42.49 8.81
CA ASP D 124 -5.60 43.28 7.59
C ASP D 124 -6.84 44.08 7.17
N SER D 125 -8.04 43.62 7.47
CA SER D 125 -9.23 44.20 6.86
C SER D 125 -10.33 44.54 7.86
N GLY D 126 -10.59 43.68 8.83
CA GLY D 126 -11.60 43.95 9.82
C GLY D 126 -12.74 42.95 9.76
N ASP D 127 -13.96 43.43 9.93
CA ASP D 127 -15.12 42.55 9.80
C ASP D 127 -15.22 42.02 8.37
N TYR D 128 -15.87 40.87 8.23
CA TYR D 128 -16.08 40.21 6.96
C TYR D 128 -17.56 39.88 6.84
N TRP D 129 -18.00 39.63 5.60
CA TRP D 129 -19.34 39.15 5.34
C TRP D 129 -19.32 38.38 4.03
N LEU D 130 -20.48 37.89 3.61
CA LEU D 130 -20.55 37.06 2.40
C LEU D 130 -20.44 37.90 1.13
N ASN D 131 -19.61 37.43 0.19
CA ASN D 131 -19.83 37.74 -1.22
C ASN D 131 -21.17 37.18 -1.66
N MET D 132 -21.37 35.89 -1.38
CA MET D 132 -22.65 35.20 -1.57
C MET D 132 -22.49 33.76 -1.13
N GLY D 133 -23.63 33.09 -0.97
CA GLY D 133 -23.69 31.65 -0.95
C GLY D 133 -24.19 31.19 -2.31
N ASN D 134 -23.49 30.21 -2.89
CA ASN D 134 -23.71 29.91 -4.31
C ASN D 134 -23.65 28.42 -4.54
N ILE D 135 -24.71 27.87 -5.12
CA ILE D 135 -24.72 26.47 -5.54
C ILE D 135 -23.95 26.32 -6.84
N LEU D 136 -23.07 25.32 -6.89
CA LEU D 136 -22.17 25.00 -7.99
C LEU D 136 -22.53 23.61 -8.55
N ASN D 137 -23.36 23.59 -9.58
CA ASN D 137 -23.84 22.36 -10.18
C ASN D 137 -23.17 22.18 -11.54
N MET D 138 -22.19 21.28 -11.62
CA MET D 138 -21.64 20.89 -12.91
C MET D 138 -22.44 19.69 -13.40
N LEU D 139 -23.16 19.86 -14.50
CA LEU D 139 -23.98 18.81 -15.07
C LEU D 139 -23.12 17.77 -15.79
N PRO D 140 -23.67 16.59 -16.07
CA PRO D 140 -22.94 15.60 -16.87
C PRO D 140 -22.47 16.16 -18.21
N GLY D 141 -21.22 15.90 -18.53
CA GLY D 141 -20.60 16.43 -19.73
C GLY D 141 -20.04 17.84 -19.58
N ALA D 142 -20.08 18.42 -18.38
CA ALA D 142 -19.55 19.76 -18.18
C ALA D 142 -18.05 19.77 -18.44
N GLU D 143 -17.62 20.76 -19.22
CA GLU D 143 -16.23 21.03 -19.51
C GLU D 143 -15.54 21.70 -18.32
N ALA D 144 -14.26 21.41 -18.13
CA ALA D 144 -13.50 22.11 -17.08
C ALA D 144 -13.45 23.62 -17.35
N GLN D 145 -13.40 24.39 -16.26
CA GLN D 145 -13.20 25.83 -16.33
C GLN D 145 -11.75 26.17 -16.67
N ARG D 146 -11.53 27.41 -17.06
CA ARG D 146 -10.17 27.96 -17.11
C ARG D 146 -9.71 28.23 -15.68
N PRO D 147 -8.57 27.67 -15.24
CA PRO D 147 -8.03 28.03 -13.91
C PRO D 147 -7.85 29.53 -13.75
N HIS D 148 -8.22 30.06 -12.59
CA HIS D 148 -8.33 31.51 -12.39
C HIS D 148 -8.19 31.84 -10.90
N ARG D 149 -8.15 33.14 -10.62
CA ARG D 149 -8.22 33.68 -9.27
C ARG D 149 -9.57 34.35 -9.06
N ASP D 150 -10.30 33.92 -8.02
CA ASP D 150 -11.63 34.52 -7.79
C ASP D 150 -11.54 36.02 -7.52
N ASP D 151 -10.40 36.51 -7.00
CA ASP D 151 -10.34 37.92 -6.65
C ASP D 151 -10.30 38.82 -7.86
N TYR D 152 -10.26 38.23 -9.05
CA TYR D 152 -10.39 39.02 -10.26
C TYR D 152 -11.72 39.74 -10.31
N LEU D 153 -12.73 39.26 -9.57
CA LEU D 153 -14.00 39.99 -9.49
C LEU D 153 -13.80 41.45 -9.08
N TYR D 154 -12.85 41.72 -8.16
CA TYR D 154 -12.66 43.09 -7.65
C TYR D 154 -11.47 43.74 -8.34
N PRO D 155 -11.68 44.81 -9.13
CA PRO D 155 -10.56 45.34 -9.95
C PRO D 155 -9.34 45.78 -9.15
N VAL D 156 -9.50 46.15 -7.86
CA VAL D 156 -8.33 46.57 -7.08
C VAL D 156 -7.33 45.45 -6.92
N SER D 157 -7.80 44.19 -6.96
CA SER D 157 -6.86 43.06 -6.87
C SER D 157 -5.76 43.12 -7.92
N GLN D 158 -6.03 43.73 -9.09
CA GLN D 158 -5.00 43.77 -10.12
C GLN D 158 -3.98 44.86 -9.89
N HIS D 159 -4.18 45.72 -8.89
CA HIS D 159 -3.26 46.81 -8.60
C HIS D 159 -2.47 46.58 -7.32
N MET D 160 -2.57 45.40 -6.73
CA MET D 160 -1.86 45.08 -5.50
C MET D 160 -0.94 43.89 -5.75
N ASP D 161 0.19 43.88 -5.08
CA ASP D 161 1.12 42.74 -5.19
C ASP D 161 0.52 41.51 -4.48
N PRO D 162 0.35 40.39 -5.17
CA PRO D 162 -0.25 39.21 -4.52
C PRO D 162 0.58 38.65 -3.37
N ALA D 163 1.90 38.80 -3.41
CA ALA D 163 2.74 38.27 -2.36
C ALA D 163 2.55 38.97 -1.03
N THR D 164 2.03 40.20 -0.99
CA THR D 164 1.98 40.98 0.24
C THR D 164 0.63 41.65 0.51
N SER D 165 -0.33 41.55 -0.38
CA SER D 165 -1.57 42.29 -0.26
C SER D 165 -2.59 41.52 0.56
N PRO D 166 -3.59 42.18 1.12
CA PRO D 166 -4.59 41.45 1.91
C PRO D 166 -5.40 40.49 1.03
N ASP D 167 -5.88 39.43 1.66
CA ASP D 167 -6.81 38.55 0.98
C ASP D 167 -8.14 39.26 0.85
N LEU D 168 -8.68 39.29 -0.37
CA LEU D 168 -10.01 39.82 -0.61
C LEU D 168 -11.10 38.75 -0.56
N MET D 169 -10.76 37.47 -0.61
CA MET D 169 -11.83 36.47 -0.64
C MET D 169 -11.36 35.15 -0.03
N ILE D 170 -12.29 34.47 0.64
CA ILE D 170 -12.13 33.09 1.10
C ILE D 170 -13.35 32.31 0.66
N ASN D 171 -13.11 31.18 -0.02
CA ASN D 171 -14.15 30.29 -0.52
C ASN D 171 -14.15 29.03 0.33
N ILE D 172 -15.32 28.68 0.87
CA ILE D 172 -15.50 27.41 1.57
C ILE D 172 -16.56 26.62 0.80
N THR D 173 -16.14 25.57 0.11
CA THR D 173 -17.04 24.73 -0.67
C THR D 173 -17.38 23.45 0.11
N PHE D 174 -18.68 23.21 0.31
CA PHE D 174 -19.15 21.96 0.89
C PHE D 174 -19.70 21.10 -0.22
N PRO D 175 -19.13 19.93 -0.50
CA PRO D 175 -19.76 19.04 -1.48
C PRO D 175 -21.10 18.57 -0.97
N LEU D 176 -22.10 18.57 -1.87
CA LEU D 176 -23.41 18.02 -1.57
C LEU D 176 -23.54 16.57 -2.04
N ASN D 177 -22.61 16.11 -2.87
CA ASN D 177 -22.44 14.69 -3.21
C ASN D 177 -20.94 14.50 -3.38
N GLU D 178 -20.50 13.26 -3.47
CA GLU D 178 -19.07 13.00 -3.46
C GLU D 178 -18.37 13.75 -4.59
N PHE D 179 -17.25 14.41 -4.27
CA PHE D 179 -16.37 15.01 -5.26
C PHE D 179 -15.24 14.04 -5.57
N ARG D 180 -15.06 13.71 -6.85
CA ARG D 180 -13.92 12.95 -7.33
C ARG D 180 -13.35 13.69 -8.54
N HIS D 181 -12.14 13.31 -8.96
CA HIS D 181 -11.60 13.90 -10.19
C HIS D 181 -12.53 13.65 -11.37
N ASP D 182 -13.07 12.41 -11.50
CA ASP D 182 -13.85 12.07 -12.70
C ASP D 182 -15.19 12.79 -12.79
N ASN D 183 -15.74 13.31 -11.69
CA ASN D 183 -17.01 14.03 -11.80
C ASN D 183 -16.84 15.54 -11.64
N GLY D 184 -15.61 16.03 -11.78
CA GLY D 184 -15.38 17.47 -11.85
C GLY D 184 -15.13 18.15 -10.53
N GLY D 185 -14.74 17.40 -9.50
CA GLY D 185 -14.28 17.99 -8.25
C GLY D 185 -13.28 19.10 -8.50
N THR D 186 -13.42 20.20 -7.76
CA THR D 186 -12.65 21.41 -7.99
C THR D 186 -11.16 21.14 -8.20
N LEU D 187 -10.64 21.65 -9.30
CA LEU D 187 -9.22 21.64 -9.61
C LEU D 187 -8.53 22.80 -8.92
N LEU D 188 -7.33 22.54 -8.40
CA LEU D 188 -6.56 23.51 -7.64
C LEU D 188 -5.08 23.40 -7.98
N LEU D 189 -4.37 24.52 -7.89
CA LEU D 189 -2.93 24.56 -8.07
C LEU D 189 -2.33 24.98 -6.73
N PRO D 190 -1.99 24.02 -5.86
CA PRO D 190 -1.49 24.40 -4.53
C PRO D 190 -0.22 25.24 -4.64
N LYS D 191 -0.13 26.26 -3.77
CA LYS D 191 1.01 27.16 -3.62
C LYS D 191 1.11 28.16 -4.76
N SER D 192 0.00 28.41 -5.45
CA SER D 192 -0.08 29.38 -6.54
C SER D 192 -0.60 30.74 -6.09
N HIS D 193 -0.75 30.96 -4.78
CA HIS D 193 -1.40 32.14 -4.24
C HIS D 193 -0.46 33.31 -3.96
N THR D 194 0.83 33.19 -4.26
CA THR D 194 1.73 34.32 -4.06
C THR D 194 2.36 34.86 -5.33
N GLY D 195 2.18 34.20 -6.46
CA GLY D 195 2.77 34.66 -7.69
C GLY D 195 2.02 35.82 -8.29
N PRO D 196 2.64 36.46 -9.28
CA PRO D 196 2.01 37.59 -9.97
C PRO D 196 0.68 37.23 -10.62
N ASN D 197 -0.22 38.21 -10.66
CA ASN D 197 -1.44 38.10 -11.44
C ASN D 197 -1.09 37.84 -12.91
N ALA D 198 -1.82 36.93 -13.54
CA ALA D 198 -1.56 36.60 -14.94
C ALA D 198 -2.87 36.36 -15.66
N ASP D 199 -2.83 36.49 -16.99
CA ASP D 199 -3.97 36.16 -17.81
C ASP D 199 -4.07 34.68 -18.10
N PHE D 200 -2.99 33.92 -17.87
CA PHE D 200 -3.00 32.48 -17.99
C PHE D 200 -2.20 31.88 -16.84
N TYR D 201 -2.73 30.85 -16.18
CA TYR D 201 -2.02 30.20 -15.09
C TYR D 201 -1.65 28.76 -15.39
N ALA D 202 -2.59 27.98 -15.90
CA ALA D 202 -2.33 26.57 -16.19
C ALA D 202 -3.49 26.07 -17.02
N ASN D 203 -3.29 24.90 -17.64
CA ASN D 203 -4.40 24.19 -18.23
C ASN D 203 -5.03 23.27 -17.19
N ALA D 204 -6.36 23.12 -17.28
CA ALA D 204 -7.10 22.34 -16.31
C ALA D 204 -6.55 20.92 -16.18
N GLU D 205 -6.21 20.30 -17.30
CA GLU D 205 -5.86 18.88 -17.29
C GLU D 205 -4.61 18.58 -16.47
N ASP D 206 -3.81 19.60 -16.14
CA ASP D 206 -2.60 19.41 -15.35
C ASP D 206 -2.80 19.56 -13.84
N LEU D 207 -4.02 19.85 -13.38
CA LEU D 207 -4.20 20.17 -11.98
C LEU D 207 -4.85 19.02 -11.20
N PRO D 208 -4.49 18.84 -9.92
CA PRO D 208 -5.18 17.84 -9.11
C PRO D 208 -6.58 18.33 -8.75
N ALA D 209 -7.48 17.38 -8.49
CA ALA D 209 -8.85 17.66 -8.05
C ALA D 209 -9.01 17.45 -6.55
N ALA D 210 -9.87 18.27 -5.93
CA ALA D 210 -10.27 18.08 -4.54
C ALA D 210 -11.27 16.93 -4.45
N GLU D 211 -10.87 15.84 -3.82
CA GLU D 211 -11.69 14.66 -3.65
C GLU D 211 -12.16 14.60 -2.20
N MET D 212 -13.48 14.57 -2.00
CA MET D 212 -14.05 14.77 -0.67
C MET D 212 -15.39 14.05 -0.57
N GLN D 213 -15.80 13.81 0.67
CA GLN D 213 -17.09 13.24 1.00
C GLN D 213 -18.01 14.33 1.52
N VAL D 214 -19.33 14.07 1.48
CA VAL D 214 -20.28 14.91 2.19
C VAL D 214 -19.90 14.97 3.67
N GLY D 215 -19.91 16.18 4.24
CA GLY D 215 -19.38 16.44 5.57
C GLY D 215 -18.01 17.10 5.59
N ASP D 216 -17.26 17.02 4.50
CA ASP D 216 -15.99 17.72 4.36
C ASP D 216 -16.21 19.09 3.73
N ALA D 217 -15.15 19.90 3.73
CA ALA D 217 -15.16 21.20 3.06
C ALA D 217 -13.79 21.48 2.47
N LEU D 218 -13.76 22.19 1.35
CA LEU D 218 -12.53 22.72 0.76
C LEU D 218 -12.49 24.21 1.01
N ILE D 219 -11.34 24.72 1.46
CA ILE D 219 -11.18 26.14 1.77
C ILE D 219 -10.04 26.64 0.91
N PHE D 220 -10.23 27.77 0.19
CA PHE D 220 -9.15 28.32 -0.62
C PHE D 220 -9.31 29.83 -0.75
N THR D 221 -8.18 30.52 -1.00
CA THR D 221 -8.22 31.97 -1.01
C THR D 221 -8.53 32.52 -2.41
N GLY D 222 -8.85 33.82 -2.44
CA GLY D 222 -9.06 34.55 -3.67
C GLY D 222 -7.85 34.53 -4.60
N LYS D 223 -6.69 34.14 -4.11
CA LYS D 223 -5.46 34.11 -4.90
C LYS D 223 -5.02 32.70 -5.29
N CYS D 224 -5.68 31.67 -4.79
CA CYS D 224 -5.36 30.30 -5.19
C CYS D 224 -5.94 30.01 -6.58
N VAL D 225 -5.09 29.58 -7.51
CA VAL D 225 -5.52 29.19 -8.85
C VAL D 225 -6.34 27.92 -8.77
N HIS D 226 -7.52 27.91 -9.39
CA HIS D 226 -8.47 26.81 -9.28
C HIS D 226 -9.51 26.90 -10.40
N GLY D 227 -10.33 25.86 -10.51
CA GLY D 227 -11.51 25.96 -11.36
C GLY D 227 -12.34 24.70 -11.28
N GLY D 228 -13.61 24.83 -11.70
CA GLY D 228 -14.44 23.64 -11.83
C GLY D 228 -13.77 22.63 -12.75
N GLY D 229 -13.90 21.34 -12.40
CA GLY D 229 -13.38 20.27 -13.23
C GLY D 229 -14.36 19.82 -14.31
N ALA D 230 -13.90 18.89 -15.15
CA ALA D 230 -14.76 18.29 -16.15
C ALA D 230 -15.55 17.14 -15.53
N ASN D 231 -16.88 17.19 -15.62
CA ASN D 231 -17.72 16.12 -15.08
C ASN D 231 -17.94 15.08 -16.17
N ARG D 232 -17.22 13.96 -16.07
CA ARG D 232 -17.33 12.88 -17.05
C ARG D 232 -18.17 11.71 -16.55
N SER D 233 -18.89 11.90 -15.45
CA SER D 233 -19.84 10.92 -14.98
C SER D 233 -21.21 11.21 -15.59
N ASP D 234 -22.22 10.45 -15.20
CA ASP D 234 -23.57 10.66 -15.69
C ASP D 234 -24.47 11.32 -14.66
N LYS D 235 -23.92 11.81 -13.55
CA LYS D 235 -24.71 12.49 -12.54
C LYS D 235 -24.17 13.88 -12.26
N PRO D 236 -25.03 14.83 -11.91
CA PRO D 236 -24.54 16.16 -11.54
C PRO D 236 -23.62 16.11 -10.33
N ARG D 237 -22.62 16.99 -10.33
CA ARG D 237 -21.71 17.17 -9.22
C ARG D 237 -22.00 18.55 -8.64
N ILE D 238 -22.53 18.56 -7.41
CA ILE D 238 -23.08 19.77 -6.81
C ILE D 238 -22.33 20.08 -5.53
N GLY D 239 -21.83 21.32 -5.43
CA GLY D 239 -21.26 21.82 -4.20
C GLY D 239 -21.94 23.13 -3.83
N LEU D 240 -21.61 23.61 -2.63
CA LEU D 240 -22.15 24.87 -2.11
C LEU D 240 -20.99 25.72 -1.62
N ALA D 241 -20.82 26.90 -2.22
CA ALA D 241 -19.74 27.82 -1.89
C ALA D 241 -20.24 28.89 -0.94
N LEU D 242 -19.70 28.90 0.28
CA LEU D 242 -19.80 30.03 1.21
C LEU D 242 -18.60 30.90 0.94
N ALA D 243 -18.82 32.01 0.23
CA ALA D 243 -17.73 32.90 -0.16
C ALA D 243 -17.84 34.20 0.62
N ALA D 244 -16.76 34.51 1.36
CA ALA D 244 -16.69 35.63 2.29
C ALA D 244 -15.57 36.59 1.89
N GLN D 245 -15.71 37.85 2.31
CA GLN D 245 -14.82 38.93 1.90
C GLN D 245 -14.87 40.03 2.97
N PRO D 246 -13.91 40.97 2.96
CA PRO D 246 -14.00 42.10 3.89
C PRO D 246 -15.31 42.86 3.74
N GLY D 247 -15.81 43.37 4.85
CA GLY D 247 -17.02 44.17 4.82
C GLY D 247 -16.94 45.39 3.92
N TYR D 248 -15.73 45.88 3.60
CA TYR D 248 -15.63 47.06 2.75
C TYR D 248 -15.77 46.76 1.27
N LEU D 249 -15.92 45.49 0.89
CA LEU D 249 -16.23 45.11 -0.48
C LEU D 249 -17.72 44.77 -0.61
N THR D 250 -18.33 45.27 -1.68
CA THR D 250 -19.78 45.10 -1.90
C THR D 250 -20.11 43.64 -2.19
N PRO D 251 -21.05 43.03 -1.46
CA PRO D 251 -21.47 41.66 -1.79
C PRO D 251 -22.02 41.56 -3.22
N ARG D 252 -21.75 40.42 -3.87
CA ARG D 252 -22.38 40.16 -5.15
C ARG D 252 -23.89 40.04 -5.01
N GLU D 253 -24.36 39.48 -3.89
CA GLU D 253 -25.77 39.25 -3.65
C GLU D 253 -26.23 40.04 -2.44
N SER D 254 -27.21 40.91 -2.67
CA SER D 254 -27.93 41.59 -1.61
C SER D 254 -29.01 40.68 -1.04
N ASN D 255 -29.41 40.95 0.21
CA ASN D 255 -30.50 40.24 0.85
C ASN D 255 -31.57 41.20 1.37
N VAL D 256 -31.74 42.36 0.73
CA VAL D 256 -32.71 43.34 1.21
C VAL D 256 -34.15 42.90 1.00
N ASN D 257 -34.36 41.88 0.18
CA ASN D 257 -35.70 41.35 -0.09
CA ASN D 257 -35.69 41.34 -0.10
C ASN D 257 -36.11 40.24 0.87
N VAL D 258 -35.24 39.81 1.78
CA VAL D 258 -35.61 38.76 2.74
C VAL D 258 -36.52 39.38 3.78
N PRO D 259 -37.76 38.88 3.95
CA PRO D 259 -38.66 39.45 4.96
C PRO D 259 -38.00 39.63 6.32
N ARG D 260 -38.19 40.80 6.91
CA ARG D 260 -37.56 41.12 8.18
C ARG D 260 -37.88 40.08 9.25
N ASP D 261 -39.10 39.52 9.22
CA ASP D 261 -39.48 38.48 10.16
C ASP D 261 -38.53 37.29 10.08
N ILE D 262 -38.11 36.92 8.87
CA ILE D 262 -37.16 35.83 8.73
C ILE D 262 -35.77 36.23 9.23
N VAL D 263 -35.34 37.45 8.93
CA VAL D 263 -34.01 37.87 9.38
C VAL D 263 -33.92 37.84 10.90
N GLU D 264 -34.99 38.27 11.59
CA GLU D 264 -34.91 38.34 13.04
C GLU D 264 -34.88 36.97 13.72
N THR D 265 -35.05 35.86 12.98
CA THR D 265 -34.80 34.55 13.58
C THR D 265 -33.35 34.08 13.45
N MET D 266 -32.47 34.90 12.88
CA MET D 266 -31.07 34.53 12.69
C MET D 266 -30.20 35.12 13.81
N THR D 267 -29.03 34.52 14.01
CA THR D 267 -28.10 35.06 14.97
C THR D 267 -27.56 36.40 14.46
N PRO D 268 -27.02 37.24 15.36
CA PRO D 268 -26.40 38.50 14.89
C PRO D 268 -25.24 38.28 13.92
N LEU D 269 -24.46 37.22 14.12
CA LEU D 269 -23.36 36.93 13.21
C LEU D 269 -23.88 36.60 11.81
N ALA D 270 -24.88 35.70 11.72
CA ALA D 270 -25.42 35.35 10.41
C ALA D 270 -26.13 36.53 9.76
N GLN D 271 -26.78 37.38 10.56
CA GLN D 271 -27.34 38.63 10.06
C GLN D 271 -26.25 39.49 9.41
N ARG D 272 -25.11 39.64 10.09
CA ARG D 272 -24.03 40.40 9.46
C ARG D 272 -23.57 39.72 8.18
N MET D 273 -23.47 38.39 8.20
CA MET D 273 -23.02 37.66 7.02
C MET D 273 -23.87 37.97 5.80
N ILE D 274 -25.20 38.09 5.97
CA ILE D 274 -26.05 38.32 4.81
C ILE D 274 -26.31 39.80 4.58
N GLY D 275 -25.51 40.66 5.22
CA GLY D 275 -25.57 42.07 4.94
C GLY D 275 -26.56 42.85 5.79
N TRP D 276 -27.18 42.20 6.77
CA TRP D 276 -28.13 42.90 7.63
C TRP D 276 -27.43 43.33 8.93
N GLY D 277 -26.36 44.10 8.76
CA GLY D 277 -25.60 44.57 9.90
C GLY D 277 -24.50 45.50 9.46
N THR D 278 -24.01 46.28 10.44
CA THR D 278 -22.86 47.15 10.22
C THR D 278 -21.58 46.33 10.24
N VAL D 279 -20.60 46.76 9.43
CA VAL D 279 -19.30 46.09 9.34
C VAL D 279 -18.21 47.14 9.55
N ARG D 280 -17.26 46.85 10.43
CA ARG D 280 -16.24 47.82 10.82
C ARG D 280 -14.90 47.46 10.20
N THR D 281 -14.19 48.46 9.68
CA THR D 281 -12.86 48.19 9.13
C THR D 281 -11.88 47.96 10.29
N LYS D 282 -10.66 47.55 9.91
CA LYS D 282 -9.63 47.36 10.91
C LYS D 282 -9.21 48.68 11.55
N ASP D 283 -9.58 49.82 10.96
CA ASP D 283 -9.31 51.14 11.53
C ASP D 283 -10.45 51.66 12.40
N THR D 284 -11.46 50.83 12.68
CA THR D 284 -12.67 51.04 13.49
C THR D 284 -13.80 51.78 12.78
N TYR D 285 -13.65 52.13 11.51
CA TYR D 285 -14.66 52.95 10.83
C TYR D 285 -15.83 52.06 10.39
N GLY D 286 -17.05 52.51 10.67
CA GLY D 286 -18.23 51.73 10.30
C GLY D 286 -18.62 51.88 8.82
N LEU D 287 -19.07 50.77 8.24
CA LEU D 287 -19.69 50.78 6.91
C LEU D 287 -21.04 50.07 7.01
N ASN D 288 -21.91 50.32 6.03
CA ASN D 288 -23.28 49.81 6.06
C ASN D 288 -23.99 50.27 7.32
N MET D 289 -23.82 51.55 7.66
CA MET D 289 -24.49 52.21 8.77
C MET D 289 -25.85 52.76 8.34
N LEU D 290 -26.69 53.07 9.33
CA LEU D 290 -28.01 53.64 9.12
C LEU D 290 -28.22 54.81 10.05
N GLN D 291 -28.58 55.97 9.50
CA GLN D 291 -28.79 57.20 10.26
C GLN D 291 -27.63 57.48 11.22
N ASP D 292 -26.41 57.41 10.68
CA ASP D 292 -25.20 57.69 11.43
C ASP D 292 -25.09 56.80 12.67
N LYS D 293 -25.71 55.63 12.61
CA LYS D 293 -25.73 54.70 13.73
C LYS D 293 -25.54 53.27 13.24
N ASP D 294 -25.33 52.38 14.20
CA ASP D 294 -25.28 50.96 13.93
C ASP D 294 -26.57 50.49 13.28
N PHE D 295 -26.44 49.57 12.31
CA PHE D 295 -27.57 49.02 11.54
C PHE D 295 -28.68 48.48 12.46
N HIS D 296 -28.32 47.55 13.36
CA HIS D 296 -29.30 46.99 14.31
C HIS D 296 -29.94 48.06 15.18
N GLU D 297 -29.14 49.04 15.64
CA GLU D 297 -29.69 50.08 16.50
C GLU D 297 -30.67 50.96 15.75
N ALA D 298 -30.33 51.37 14.52
CA ALA D 298 -31.24 52.22 13.77
C ALA D 298 -32.55 51.51 13.48
N LEU D 299 -32.50 50.21 13.17
CA LEU D 299 -33.74 49.49 12.88
C LEU D 299 -34.45 48.97 14.11
N GLY D 300 -33.77 48.90 15.25
CA GLY D 300 -34.28 48.09 16.35
C GLY D 300 -34.41 46.65 15.94
N LEU D 301 -33.47 46.15 15.14
CA LEU D 301 -33.54 44.79 14.62
C LEU D 301 -33.28 43.77 15.72
N LYS D 302 -34.18 42.81 15.85
CA LYS D 302 -33.99 41.71 16.80
C LYS D 302 -33.23 40.55 16.15
N SER D 303 -32.85 39.59 16.97
CA SER D 303 -32.06 38.46 16.50
C SER D 303 -32.12 37.34 17.54
N LYS D 304 -31.76 36.16 17.09
CA LYS D 304 -31.82 34.97 17.95
C LYS D 304 -30.63 34.94 18.89
N THR D 305 -30.90 35.02 20.18
CA THR D 305 -29.90 34.81 21.24
C THR D 305 -28.58 35.52 20.98
FE FE E . 12.97 12.92 10.54
C1 AKG F . 15.01 15.00 10.13
O1 AKG F . 14.32 14.23 9.44
O2 AKG F . 15.72 15.89 9.59
C2 AKG F . 14.96 14.84 11.66
O5 AKG F . 14.00 14.36 12.17
C3 AKG F . 16.13 15.31 12.51
C4 AKG F . 15.81 15.13 13.99
C5 AKG F . 16.91 15.73 14.87
O3 AKG F . 17.84 16.43 14.37
O4 AKG F . 16.87 15.50 16.10
C10 9FU G . 18.15 11.54 8.52
C13 9FU G . 16.70 9.49 8.89
C15 9FU G . 14.69 14.34 3.41
C17 9FU G . 12.22 14.50 3.81
C20 9FU G . 14.56 15.83 3.28
C21 9FU G . 13.73 17.82 3.30
C22 9FU G . 15.72 16.79 3.32
C24 9FU G . 15.04 13.74 2.04
C01 9FU G . 16.70 12.37 6.26
C02 9FU G . 16.32 11.01 6.88
C03 9FU G . 15.63 10.05 5.90
C04 9FU G . 14.30 10.62 5.34
C05 9FU G . 14.13 12.15 5.34
C06 9FU G . 15.47 12.96 5.50
C07 9FU G . 18.01 12.38 5.41
C08 9FU G . 16.98 13.26 7.46
C09 9FU G . 17.60 12.78 8.57
C11 9FU G . 17.39 10.38 7.82
O01 9FU G . 19.26 11.37 8.95
C12 9FU G . 18.42 9.47 7.13
O02 9FU G . 13.42 12.48 4.18
C14 9FU G . 13.37 13.81 3.90
C16 9FU G . 15.78 14.03 4.44
C18 9FU G . 12.22 15.86 3.58
C19 9FU G . 13.40 16.49 3.26
O03 9FU G . 15.08 18.06 3.17
O04 9FU G . 12.99 18.76 3.43
O05 9FU G . 11.19 16.50 3.70
C23 9FU G . 10.94 13.80 4.22
C25 9FU G . 13.22 12.58 6.51
FE FE H . 7.38 -12.45 -15.45
C1 AKG I . 9.47 -14.25 -16.12
O1 AKG I . 10.45 -15.05 -16.03
O2 AKG I . 9.10 -13.55 -15.13
C2 AKG I . 8.73 -14.10 -17.46
O5 AKG I . 7.62 -13.70 -17.47
C3 AKG I . 9.40 -14.51 -18.77
C4 AKG I . 8.35 -14.32 -19.86
C5 AKG I . 8.84 -14.84 -21.22
O3 AKG I . 8.11 -14.65 -22.22
O4 AKG I . 9.95 -15.43 -21.32
C10 9FU J . 12.84 -10.35 -16.30
C13 9FU J . 11.20 -8.53 -15.89
C15 9FU J . 12.72 -13.39 -10.15
C17 9FU J . 10.34 -13.76 -9.38
C20 9FU J . 12.77 -14.89 -10.00
C21 9FU J . 12.16 -16.94 -9.74
C22 9FU J . 13.80 -15.76 -10.67
C24 9FU J . 13.70 -12.77 -9.14
C01 9FU J . 12.81 -11.28 -13.59
C02 9FU J . 12.01 -10.00 -13.97
C03 9FU J . 11.65 -9.09 -12.79
C04 9FU J . 11.01 -9.79 -11.59
C05 9FU J . 11.03 -11.34 -11.57
C06 9FU J . 12.18 -12.02 -12.36
C07 9FU J . 14.35 -11.10 -13.47
C08 9FU J . 12.61 -12.17 -14.80
C09 9FU J . 12.55 -11.66 -16.06
C11 9FU J . 12.41 -9.28 -15.29
O01 9FU J . 13.48 -10.03 -17.28
C12 9FU J . 13.56 -8.25 -15.22
O02 9FU J . 11.04 -11.66 -10.20
C14 9FU J . 11.29 -12.95 -9.89
C16 9FU J . 13.08 -13.03 -11.60
C18 9FU J . 10.54 -15.11 -9.23
C19 9FU J . 11.76 -15.64 -9.54
O03 9FU J . 13.38 -17.07 -10.33
O04 9FU J . 11.51 -17.94 -9.47
O05 9FU J . 9.59 -15.81 -8.85
C23 9FU J . 9.08 -13.16 -8.77
C25 9FU J . 9.69 -11.88 -12.12
FE FE K . -6.38 -31.36 14.40
C1 AKG L . -7.96 -30.64 16.55
O1 AKG L . -7.31 -31.66 16.19
O2 AKG L . -8.72 -30.70 17.56
C2 AKG L . -7.81 -29.34 15.77
O5 AKG L . -6.88 -29.19 15.05
C3 AKG L . -8.82 -28.20 15.93
C4 AKG L . -8.19 -26.96 15.28
C5 AKG L . -9.11 -25.75 15.41
O3 AKG L . -10.07 -25.76 16.22
O4 AKG L . -8.90 -24.74 14.68
C10 9FU M . -12.08 -32.80 14.18
C13 9FU M . -10.93 -33.50 12.10
C15 9FU M . -8.98 -37.06 18.59
C17 9FU M . -6.46 -37.03 18.33
C20 9FU M . -8.64 -36.74 20.02
C21 9FU M . -7.50 -36.00 21.71
C22 9FU M . -9.61 -36.12 21.00
C24 9FU M . -9.67 -38.45 18.55
C01 9FU M . -10.83 -34.79 15.80
C02 9FU M . -10.60 -34.83 14.27
C03 9FU M . -10.15 -36.20 13.74
C04 9FU M . -8.87 -36.73 14.40
C05 9FU M . -8.48 -36.18 15.77
C06 9FU M . -9.62 -35.47 16.58
C07 9FU M . -12.22 -35.29 16.26
C08 9FU M . -10.80 -33.31 16.11
C09 9FU M . -11.36 -32.40 15.27
C11 9FU M . -11.61 -34.02 13.39
O01 9FU M . -13.09 -32.20 13.85
C12 9FU M . -12.88 -34.78 12.92
O02 9FU M . -7.91 -37.26 16.45
C14 9FU M . -7.70 -37.10 17.79
C16 9FU M . -9.89 -35.96 18.01
C18 9FU M . -6.29 -36.70 19.65
C19 9FU M . -7.38 -36.60 20.47
O03 9FU M . -8.79 -35.75 22.10
O04 9FU M . -6.61 -35.69 22.46
O05 9FU M . -5.16 -36.48 20.06
C23 9FU M . -5.28 -37.59 17.55
C25 9FU M . -7.32 -35.18 15.60
FE FE N . -13.64 30.26 -9.04
C1 AKG O . -16.08 29.37 -10.35
O1 AKG O . -17.12 29.29 -11.07
O2 AKG O . -15.57 30.50 -10.14
C2 AKG O . -15.42 28.11 -9.77
O5 AKG O . -14.25 28.09 -9.53
C3 AKG O . -16.23 26.83 -9.50
C4 AKG O . -15.37 25.72 -8.90
C5 AKG O . -16.20 24.43 -8.80
O3 AKG O . -15.70 23.41 -8.28
O4 AKG O . -17.38 24.37 -9.25
C10 9FU P . -18.66 31.34 -6.53
C13 9FU P . -16.74 32.13 -5.10
C15 9FU P . -18.09 35.65 -11.65
C17 9FU P . -15.78 35.96 -12.56
C20 9FU P . -18.38 35.24 -13.06
C21 9FU P . -18.11 34.67 -15.11
C22 9FU P . -19.66 34.58 -13.50
C24 9FU P . -18.82 36.97 -11.37
C01 9FU P . -18.40 33.43 -8.38
C02 9FU P . -17.50 33.48 -7.12
C03 9FU P . -16.99 34.89 -6.79
C04 9FU P . -16.10 35.45 -7.91
C05 9FU P . -16.36 34.92 -9.35
C06 9FU P . -17.69 34.14 -9.56
C07 9FU P . -19.86 33.90 -8.19
C08 9FU P . -18.47 31.95 -8.77
C09 9FU P . -18.44 31.00 -7.83
C11 9FU P . -17.98 32.59 -5.93
O01 9FU P . -19.44 30.70 -5.87
C12 9FU P . -18.96 33.28 -4.96
O02 9FU P . -16.21 36.04 -10.20
C14 9FU P . -16.60 35.83 -11.50
C16 9FU P . -18.57 34.50 -10.75
C18 9FU P . -16.18 35.60 -13.84
C19 9FU P . -17.48 35.22 -14.03
O03 9FU P . -19.44 34.42 -14.89
O04 9FU P . -17.62 34.42 -16.20
O05 9FU P . -15.40 35.59 -14.77
C23 9FU P . -14.29 36.25 -12.31
C25 9FU P . -15.26 33.92 -9.78
#